data_2WON
#
_entry.id   2WON
#
_cell.length_a   117.490
_cell.length_b   154.250
_cell.length_c   154.880
_cell.angle_alpha   90.00
_cell.angle_beta   90.00
_cell.angle_gamma   90.00
#
_symmetry.space_group_name_H-M   'C 2 2 21'
#
loop_
_entity.id
_entity.type
_entity.pdbx_description
1 polymer 'HIV-1 REVERSE TRANSCRIPTASE'
2 polymer 'HIV-1 REVERSE TRANSCRIPTASE'
3 non-polymer 5-{[3,5-diethyl-1-(2-hydroxyethyl)-1H-pyrazol-4-yl]oxy}benzene-1,3-dicarbonitrile
#
loop_
_entity_poly.entity_id
_entity_poly.type
_entity_poly.pdbx_seq_one_letter_code
_entity_poly.pdbx_strand_id
1 'polypeptide(L)'
;PISPIETVPVKLKPGMDGPKVKQWPLTEEKIKALVEICTEMEKEGKISKIGPENPYNTPVFAIKKKDSTKWRKLVDFREL
NKRTQDFWEVQLGIPHPAGLKKKKSVTVLDVGDAYFSVPLDEDFRKYTAFTIPSINNETPGIRYQYNVLPQGWKGSPAIF
QSSMTKILEPFRKQNPDIVIYQYMDDLYVGSDLEIGQHRTKIEELRQHLLRWGLTTPDKKHQKEPPFLWMGYELHPDKWT
VQPIVLPEKDSWTVNDIQKLVGKLNWASQIYPGIKVRQLCKLLRGTKALTEVIPLTEEAELELAENREILKEPVHGVYYD
PSKDLIAEIQKQGQGQWTYQIYQEPFKNLKTGKYARMRGAHTNDVKQLTEAVQKITTESIVIWGKTPKFKLPIQKETWET
WWTEYWQATWIPEWEFVNTPPLVKLWYQLEKEPIVGAETFYVDGAANRETKLGKAGYVTNRGRQKVVTLTDTTNQKTELQ
AIYLALQDSGLEVNIVTDSQYALGIIQAQPDQSESELVNQIIEQLIKKEKVYLAWVPAHKGIGGNEQVDKLVSAGIRKVL
;
A
2 'polypeptide(L)'
;PISPIETVPVKLKPGMDGPKVKQWPLTEEKIKALVEICTEMEKEGKISKIGPENPYNTPVFAIKKKDSTKWRKLVDFREL
NKRTQDFWEVQLGIPHPAGLKKKKSVTVLDVGDAYFSVPLDEDFRKYTAFTIPSINNETPGIRYQYNVLPQGWKGSPAIF
QSSMTKILEPFRKQNPDIVIYQYMDDLYVGSDLEIGQHRTKIEELRQHLLRWGLTTPDKKHQKEPPFLWMGYELHPDKWT
VQPIVLPEKDSWTVNDIQKLVGKLNWASQIYPGIKVRQLCKLLRGTKALTEVIPLTEEAELELAENREILKEPVHGVYYD
PSKDLIAEIQKQGQGQWTYQIYQEPFKNLKTGKYARMRGAHTNDVKQLTEAVQKITTESIVIWGKTPKFKLPIQKETWET
WWTEYWQATWIPEWEFVNTPPLVKLWYQLEKEPIVGAETF
;
B
#
loop_
_chem_comp.id
_chem_comp.type
_chem_comp.name
_chem_comp.formula
ZZE non-polymer 5-{[3,5-diethyl-1-(2-hydroxyethyl)-1H-pyrazol-4-yl]oxy}benzene-1,3-dicarbonitrile 'C17 H18 N4 O2'
#
# COMPACT_ATOMS: atom_id res chain seq x y z
N PRO A 1 -24.26 32.25 17.88
CA PRO A 1 -25.21 31.29 18.44
C PRO A 1 -24.53 30.02 18.89
N ILE A 2 -25.33 29.05 19.30
CA ILE A 2 -24.89 27.73 19.73
C ILE A 2 -25.85 26.77 19.08
N SER A 3 -25.35 26.04 18.09
CA SER A 3 -26.14 25.09 17.34
C SER A 3 -27.01 24.17 18.21
N PRO A 4 -28.28 23.96 17.79
CA PRO A 4 -29.20 23.05 18.50
C PRO A 4 -28.96 21.57 18.16
N ILE A 5 -27.85 21.27 17.47
CA ILE A 5 -27.48 19.91 17.07
C ILE A 5 -27.22 19.00 18.26
N GLU A 6 -27.68 17.75 18.17
CA GLU A 6 -27.42 16.74 19.19
C GLU A 6 -25.89 16.72 19.41
N THR A 7 -25.44 16.52 20.65
CA THR A 7 -23.99 16.52 20.88
C THR A 7 -23.35 15.19 20.57
N VAL A 8 -22.01 15.20 20.46
CA VAL A 8 -21.25 14.00 20.24
C VAL A 8 -20.82 13.49 21.59
N PRO A 9 -21.25 12.26 21.98
CA PRO A 9 -20.82 11.72 23.27
C PRO A 9 -19.31 11.58 23.32
N VAL A 10 -18.68 12.20 24.30
CA VAL A 10 -17.22 12.17 24.44
C VAL A 10 -16.85 11.52 25.76
N LYS A 11 -15.69 10.87 25.78
CA LYS A 11 -15.19 10.24 26.98
C LYS A 11 -13.67 10.26 27.08
N LEU A 12 -13.16 10.06 28.30
CA LEU A 12 -11.73 10.03 28.51
C LEU A 12 -11.21 8.64 28.21
N LYS A 13 -9.89 8.52 27.97
CA LYS A 13 -9.26 7.23 27.72
C LYS A 13 -9.54 6.28 28.88
N PRO A 14 -9.80 5.00 28.56
CA PRO A 14 -10.14 3.98 29.57
C PRO A 14 -9.75 4.13 31.03
N GLY A 15 -8.47 3.93 31.36
CA GLY A 15 -8.02 4.03 32.74
C GLY A 15 -7.56 5.41 33.16
N MET A 16 -8.33 6.45 32.79
CA MET A 16 -7.93 7.82 33.09
C MET A 16 -9.07 8.67 33.62
N ASP A 17 -8.71 9.70 34.38
CA ASP A 17 -9.68 10.64 34.95
C ASP A 17 -9.30 12.05 34.54
N GLY A 18 -10.23 13.00 34.68
CA GLY A 18 -10.03 14.40 34.30
C GLY A 18 -8.76 15.08 34.77
N PRO A 19 -8.41 16.23 34.16
CA PRO A 19 -7.18 16.94 34.56
C PRO A 19 -7.35 17.63 35.90
N LYS A 20 -6.26 17.79 36.64
CA LYS A 20 -6.28 18.46 37.96
C LYS A 20 -4.97 19.23 38.11
N VAL A 21 -4.73 20.12 37.15
CA VAL A 21 -3.54 20.96 37.07
C VAL A 21 -3.83 22.28 37.74
N LYS A 22 -3.07 22.61 38.79
CA LYS A 22 -3.25 23.83 39.55
C LYS A 22 -3.02 25.09 38.73
N GLN A 23 -3.73 26.16 39.12
CA GLN A 23 -3.62 27.48 38.49
C GLN A 23 -2.38 28.19 38.95
N TRP A 24 -1.60 28.73 37.99
CA TRP A 24 -0.40 29.51 38.30
C TRP A 24 -0.92 30.83 38.82
N PRO A 25 -0.27 31.46 39.81
CA PRO A 25 -0.76 32.78 40.26
C PRO A 25 -0.49 33.79 39.15
N LEU A 26 -1.53 34.55 38.78
CA LEU A 26 -1.43 35.51 37.69
C LEU A 26 -1.39 36.96 38.08
N THR A 27 -0.83 37.81 37.19
CA THR A 27 -0.74 39.27 37.38
C THR A 27 -2.12 39.89 37.56
N GLU A 28 -2.17 41.04 38.23
CA GLU A 28 -3.37 41.82 38.44
C GLU A 28 -4.03 42.12 37.08
N GLU A 29 -3.24 42.64 36.13
CA GLU A 29 -3.71 42.99 34.79
C GLU A 29 -4.28 41.80 34.02
N LYS A 30 -3.56 40.67 34.06
CA LYS A 30 -3.98 39.46 33.36
C LYS A 30 -5.27 38.94 33.94
N ILE A 31 -5.42 39.03 35.28
CA ILE A 31 -6.62 38.60 35.99
C ILE A 31 -7.82 39.44 35.59
N LYS A 32 -7.61 40.76 35.41
CA LYS A 32 -8.67 41.68 35.03
C LYS A 32 -9.23 41.28 33.66
N ALA A 33 -8.32 41.01 32.70
CA ALA A 33 -8.67 40.61 31.34
C ALA A 33 -9.50 39.34 31.32
N LEU A 34 -9.01 38.29 32.00
CA LEU A 34 -9.73 37.04 32.04
C LEU A 34 -11.14 37.23 32.55
N VAL A 35 -11.30 38.03 33.61
CA VAL A 35 -12.62 38.31 34.19
C VAL A 35 -13.59 38.89 33.14
N GLU A 36 -13.14 39.90 32.38
CA GLU A 36 -14.00 40.51 31.37
C GLU A 36 -14.24 39.58 30.18
N ILE A 37 -13.17 38.93 29.70
CA ILE A 37 -13.29 38.01 28.58
C ILE A 37 -14.33 36.95 28.96
N CYS A 38 -14.12 36.31 30.12
CA CYS A 38 -15.02 35.27 30.60
C CYS A 38 -16.43 35.77 30.84
N THR A 39 -16.59 37.04 31.25
CA THR A 39 -17.92 37.60 31.48
C THR A 39 -18.65 37.66 30.15
N GLU A 40 -17.95 38.08 29.09
CA GLU A 40 -18.56 38.16 27.76
C GLU A 40 -18.99 36.76 27.30
N MET A 41 -18.05 35.81 27.32
CA MET A 41 -18.30 34.43 26.94
C MET A 41 -19.46 33.84 27.71
N GLU A 42 -19.53 34.12 29.02
CA GLU A 42 -20.58 33.61 29.89
C GLU A 42 -21.93 34.12 29.49
N LYS A 43 -21.98 35.38 29.05
CA LYS A 43 -23.19 36.05 28.62
C LYS A 43 -23.71 35.45 27.32
N GLU A 44 -22.82 34.84 26.54
CA GLU A 44 -23.17 34.22 25.26
C GLU A 44 -23.38 32.72 25.34
N GLY A 45 -23.34 32.16 26.56
CA GLY A 45 -23.56 30.74 26.79
C GLY A 45 -22.37 29.86 26.48
N LYS A 46 -21.25 30.47 26.00
CA LYS A 46 -20.03 29.73 25.66
C LYS A 46 -19.47 29.01 26.88
N ILE A 47 -19.60 29.62 28.08
CA ILE A 47 -19.09 29.04 29.32
C ILE A 47 -20.08 29.26 30.44
N SER A 48 -19.89 28.56 31.56
CA SER A 48 -20.77 28.68 32.73
C SER A 48 -20.02 28.52 34.04
N LYS A 49 -20.40 29.32 35.05
CA LYS A 49 -19.82 29.26 36.39
C LYS A 49 -20.13 27.91 37.00
N ILE A 50 -19.21 27.37 37.79
CA ILE A 50 -19.42 26.06 38.41
C ILE A 50 -19.23 26.08 39.92
N GLY A 51 -19.82 25.09 40.58
CA GLY A 51 -19.69 24.90 42.02
C GLY A 51 -18.32 24.45 42.45
N PRO A 52 -18.11 24.30 43.78
CA PRO A 52 -16.77 23.88 44.27
C PRO A 52 -16.58 22.37 44.13
N GLU A 53 -17.67 21.65 43.85
CA GLU A 53 -17.72 20.21 43.68
C GLU A 53 -16.71 19.74 42.63
N ASN A 54 -16.84 20.28 41.40
CA ASN A 54 -15.95 19.97 40.29
C ASN A 54 -14.49 20.06 40.75
N PRO A 55 -13.81 18.89 40.77
CA PRO A 55 -12.41 18.85 41.23
C PRO A 55 -11.39 19.03 40.10
N TYR A 56 -11.88 19.20 38.88
CA TYR A 56 -10.99 19.33 37.72
C TYR A 56 -10.55 20.74 37.50
N ASN A 57 -9.40 20.89 36.85
CA ASN A 57 -8.88 22.19 36.52
C ASN A 57 -7.80 22.10 35.45
N THR A 58 -7.76 23.12 34.60
CA THR A 58 -6.79 23.25 33.53
C THR A 58 -6.29 24.69 33.60
N PRO A 59 -4.95 24.89 33.52
CA PRO A 59 -4.41 26.25 33.57
C PRO A 59 -4.98 27.22 32.53
N VAL A 60 -5.05 28.50 32.90
CA VAL A 60 -5.57 29.61 32.09
C VAL A 60 -4.49 30.68 32.03
N PHE A 61 -4.38 31.36 30.89
CA PHE A 61 -3.39 32.41 30.71
C PHE A 61 -3.97 33.56 29.91
N ALA A 62 -3.25 34.69 29.87
CA ALA A 62 -3.70 35.87 29.13
C ALA A 62 -2.52 36.58 28.51
N ILE A 63 -2.65 36.85 27.22
CA ILE A 63 -1.62 37.54 26.44
C ILE A 63 -2.25 38.58 25.53
N LYS A 64 -1.58 39.71 25.36
CA LYS A 64 -2.06 40.77 24.48
C LYS A 64 -1.29 40.85 23.17
N LYS A 65 -2.02 40.86 22.05
CA LYS A 65 -1.43 40.96 20.72
C LYS A 65 -0.94 42.40 20.45
N LYS A 66 0.28 42.55 19.92
CA LYS A 66 0.86 43.85 19.62
C LYS A 66 0.09 44.69 18.61
N ASP A 67 0.47 45.99 18.50
CA ASP A 67 -0.17 46.97 17.62
C ASP A 67 -1.63 47.17 18.06
N SER A 68 -1.94 46.60 19.23
CA SER A 68 -3.24 46.64 19.88
C SER A 68 -3.08 46.31 21.37
N THR A 69 -3.90 46.95 22.20
CA THR A 69 -3.90 46.73 23.65
C THR A 69 -5.18 45.98 24.01
N LYS A 70 -5.40 44.84 23.35
CA LYS A 70 -6.56 44.01 23.58
C LYS A 70 -6.09 42.62 23.98
N TRP A 71 -6.51 42.17 25.16
CA TRP A 71 -6.15 40.88 25.72
C TRP A 71 -6.84 39.70 25.07
N ARG A 72 -6.16 38.55 25.08
CA ARG A 72 -6.64 37.29 24.55
C ARG A 72 -6.46 36.17 25.60
N LYS A 73 -7.44 35.28 25.69
CA LYS A 73 -7.46 34.17 26.64
C LYS A 73 -6.89 32.86 26.10
N LEU A 74 -5.80 32.40 26.69
CA LEU A 74 -5.20 31.14 26.29
C LEU A 74 -5.35 30.04 27.31
N VAL A 75 -5.96 28.92 26.90
CA VAL A 75 -6.12 27.76 27.78
C VAL A 75 -5.13 26.67 27.37
N ASP A 76 -4.40 26.14 28.35
CA ASP A 76 -3.45 25.07 28.08
C ASP A 76 -4.12 23.73 28.29
N PHE A 77 -4.64 23.14 27.20
CA PHE A 77 -5.31 21.85 27.23
C PHE A 77 -4.41 20.64 27.04
N ARG A 78 -3.09 20.82 27.14
CA ARG A 78 -2.12 19.74 27.00
C ARG A 78 -2.47 18.54 27.84
N GLU A 79 -2.91 18.78 29.07
CA GLU A 79 -3.24 17.69 29.97
C GLU A 79 -4.53 17.01 29.62
N LEU A 80 -5.61 17.77 29.47
CA LEU A 80 -6.90 17.20 29.10
C LEU A 80 -6.76 16.42 27.80
N ASN A 81 -6.00 16.98 26.85
CA ASN A 81 -5.75 16.35 25.55
C ASN A 81 -5.12 14.97 25.66
N LYS A 82 -4.16 14.79 26.59
CA LYS A 82 -3.51 13.50 26.81
C LYS A 82 -4.54 12.51 27.38
N ARG A 83 -5.56 13.04 28.07
CA ARG A 83 -6.58 12.21 28.71
C ARG A 83 -7.82 11.98 27.85
N THR A 84 -7.97 12.75 26.78
CA THR A 84 -9.12 12.65 25.89
C THR A 84 -8.95 11.49 24.92
N GLN A 85 -10.04 10.78 24.66
CA GLN A 85 -10.08 9.67 23.71
C GLN A 85 -9.51 10.09 22.36
N ASP A 86 -9.12 9.10 21.58
CA ASP A 86 -8.68 9.38 20.23
C ASP A 86 -9.94 9.52 19.42
N PHE A 87 -9.87 10.31 18.37
CA PHE A 87 -11.02 10.51 17.49
C PHE A 87 -10.72 9.95 16.15
N TRP A 88 -11.53 10.33 15.19
CA TRP A 88 -11.33 9.84 13.88
C TRP A 88 -10.09 10.36 13.12
N GLU A 89 -10.20 11.48 12.43
CA GLU A 89 -9.19 12.17 11.60
C GLU A 89 -10.13 12.98 10.75
N VAL A 90 -9.96 14.31 10.69
CA VAL A 90 -10.83 15.19 9.91
C VAL A 90 -10.98 14.72 8.47
N GLN A 91 -9.84 14.68 7.76
CA GLN A 91 -9.80 14.27 6.38
C GLN A 91 -8.51 13.56 6.05
N LEU A 92 -8.58 12.66 5.07
CA LEU A 92 -7.50 11.83 4.58
C LEU A 92 -6.63 12.56 3.55
N GLY A 93 -7.13 13.67 3.01
CA GLY A 93 -6.43 14.51 2.05
C GLY A 93 -7.09 15.86 1.89
N ILE A 94 -6.38 16.81 1.27
CA ILE A 94 -6.87 18.17 0.99
C ILE A 94 -7.26 18.23 -0.47
N PRO A 95 -8.39 18.86 -0.84
CA PRO A 95 -8.71 18.91 -2.28
C PRO A 95 -7.57 19.53 -3.07
N HIS A 96 -7.30 18.99 -4.26
CA HIS A 96 -6.28 19.56 -5.12
C HIS A 96 -7.05 20.39 -6.14
N PRO A 97 -6.60 21.62 -6.43
CA PRO A 97 -7.29 22.46 -7.44
C PRO A 97 -7.59 21.74 -8.74
N ALA A 98 -6.60 21.03 -9.30
CA ALA A 98 -6.72 20.26 -10.56
C ALA A 98 -7.94 19.33 -10.60
N GLY A 99 -8.44 18.95 -9.41
CA GLY A 99 -9.60 18.08 -9.27
C GLY A 99 -10.91 18.83 -9.21
N LEU A 100 -10.82 20.18 -9.01
CA LEU A 100 -12.01 21.02 -8.96
C LEU A 100 -12.74 21.02 -10.27
N LYS A 101 -14.02 20.73 -10.19
CA LYS A 101 -14.80 20.65 -11.42
C LYS A 101 -15.10 22.04 -11.91
N LYS A 102 -15.28 22.21 -13.24
CA LYS A 102 -15.65 23.50 -13.79
C LYS A 102 -17.12 23.78 -13.49
N LYS A 103 -17.41 24.97 -12.92
CA LYS A 103 -18.75 25.43 -12.51
C LYS A 103 -18.81 26.90 -12.89
N LYS A 104 -19.93 27.37 -13.47
CA LYS A 104 -20.01 28.79 -13.86
C LYS A 104 -19.91 29.73 -12.69
N SER A 105 -20.54 29.36 -11.57
CA SER A 105 -20.51 30.20 -10.40
C SER A 105 -20.03 29.47 -9.14
N VAL A 106 -19.11 30.11 -8.42
CA VAL A 106 -18.52 29.57 -7.21
C VAL A 106 -18.54 30.63 -6.10
N THR A 107 -18.82 30.19 -4.88
CA THR A 107 -18.84 31.06 -3.70
C THR A 107 -18.13 30.41 -2.52
N VAL A 108 -17.41 31.24 -1.77
CA VAL A 108 -16.76 30.82 -0.53
C VAL A 108 -17.54 31.45 0.63
N LEU A 109 -17.89 30.62 1.60
CA LEU A 109 -18.61 31.02 2.79
C LEU A 109 -17.88 30.44 3.95
N ASP A 110 -17.44 31.28 4.87
CA ASP A 110 -16.73 30.76 6.04
C ASP A 110 -17.63 30.81 7.25
N VAL A 111 -17.64 29.73 8.00
CA VAL A 111 -18.50 29.61 9.16
C VAL A 111 -18.29 30.49 10.40
N GLY A 112 -17.75 31.70 10.31
CA GLY A 112 -17.68 32.62 11.46
C GLY A 112 -16.96 32.07 12.65
N ASP A 113 -17.52 32.29 13.85
CA ASP A 113 -16.95 31.81 15.11
C ASP A 113 -17.29 30.34 15.23
N ALA A 114 -16.67 29.53 14.36
CA ALA A 114 -16.88 28.09 14.17
C ALA A 114 -17.01 27.25 15.42
N TYR A 115 -15.86 26.88 16.03
CA TYR A 115 -15.79 26.03 17.20
C TYR A 115 -16.75 26.46 18.31
N PHE A 116 -16.83 27.77 18.54
CA PHE A 116 -17.67 28.31 19.60
C PHE A 116 -19.19 28.25 19.36
N SER A 117 -19.64 27.84 18.17
CA SER A 117 -21.06 27.74 17.85
C SER A 117 -21.53 26.31 17.94
N VAL A 118 -20.71 25.43 18.51
CA VAL A 118 -21.07 24.03 18.60
C VAL A 118 -21.02 23.54 20.04
N PRO A 119 -22.12 22.90 20.47
CA PRO A 119 -22.20 22.40 21.84
C PRO A 119 -21.29 21.21 22.14
N LEU A 120 -20.89 21.11 23.40
CA LEU A 120 -20.04 20.04 23.92
C LEU A 120 -20.90 19.12 24.76
N ASP A 121 -20.61 17.81 24.76
CA ASP A 121 -21.34 16.84 25.55
C ASP A 121 -21.36 17.30 27.00
N GLU A 122 -22.55 17.44 27.59
CA GLU A 122 -22.74 17.86 28.98
C GLU A 122 -21.95 17.04 29.97
N ASP A 123 -21.97 15.71 29.79
CA ASP A 123 -21.26 14.78 30.67
C ASP A 123 -19.75 14.93 30.56
N PHE A 124 -19.27 15.78 29.63
CA PHE A 124 -17.84 15.97 29.44
C PHE A 124 -17.38 17.36 29.86
N ARG A 125 -18.32 18.30 29.91
CA ARG A 125 -18.06 19.70 30.27
C ARG A 125 -17.36 19.80 31.60
N LYS A 126 -17.75 18.95 32.57
CA LYS A 126 -17.10 18.95 33.88
C LYS A 126 -15.59 18.87 33.78
N TYR A 127 -15.06 18.18 32.76
CA TYR A 127 -13.61 18.05 32.59
C TYR A 127 -12.95 19.30 31.98
N THR A 128 -13.74 20.28 31.52
CA THR A 128 -13.19 21.50 30.90
C THR A 128 -13.02 22.64 31.88
N ALA A 129 -13.16 22.33 33.19
CA ALA A 129 -13.05 23.29 34.29
C ALA A 129 -11.74 24.07 34.30
N PHE A 130 -11.85 25.39 34.43
CA PHE A 130 -10.68 26.25 34.54
C PHE A 130 -10.93 27.29 35.62
N THR A 131 -9.86 27.91 36.13
CA THR A 131 -10.02 28.86 37.23
C THR A 131 -9.32 30.20 37.02
N ILE A 132 -10.07 31.30 37.16
CA ILE A 132 -9.45 32.62 37.12
C ILE A 132 -8.98 32.84 38.55
N PRO A 133 -7.66 32.90 38.80
CA PRO A 133 -7.18 33.07 40.18
C PRO A 133 -7.46 34.46 40.74
N SER A 134 -7.55 34.52 42.07
CA SER A 134 -7.79 35.77 42.79
C SER A 134 -6.47 36.45 43.07
N ILE A 135 -6.43 37.77 42.84
CA ILE A 135 -5.26 38.61 43.14
C ILE A 135 -4.47 38.06 44.37
N ASN A 136 -3.40 37.28 44.08
CA ASN A 136 -2.43 36.77 45.04
C ASN A 136 -2.84 35.56 45.85
N ASN A 137 -3.57 34.61 45.24
CA ASN A 137 -4.09 33.43 45.94
C ASN A 137 -4.83 33.89 47.20
N GLU A 138 -5.83 34.73 46.99
CA GLU A 138 -6.66 35.26 48.06
C GLU A 138 -7.52 34.08 48.52
N THR A 139 -8.63 33.84 47.82
CA THR A 139 -9.58 32.81 48.13
C THR A 139 -9.90 32.09 46.84
N PRO A 140 -10.95 31.27 46.76
CA PRO A 140 -11.25 30.61 45.48
C PRO A 140 -11.36 31.58 44.32
N GLY A 141 -10.87 31.13 43.17
CA GLY A 141 -10.98 31.92 41.96
C GLY A 141 -12.35 31.70 41.39
N ILE A 142 -12.68 32.43 40.32
CA ILE A 142 -13.98 32.25 39.67
C ILE A 142 -13.84 31.04 38.78
N ARG A 143 -14.57 29.98 39.10
CA ARG A 143 -14.48 28.75 38.34
C ARG A 143 -15.53 28.63 37.25
N TYR A 144 -15.08 28.29 36.05
CA TYR A 144 -15.93 28.11 34.90
C TYR A 144 -15.76 26.75 34.26
N GLN A 145 -16.51 26.53 33.18
CA GLN A 145 -16.50 25.29 32.43
C GLN A 145 -17.10 25.58 31.07
N TYR A 146 -16.62 24.89 30.03
CA TYR A 146 -17.12 25.08 28.66
C TYR A 146 -18.44 24.37 28.39
N ASN A 147 -19.24 24.97 27.48
CA ASN A 147 -20.51 24.41 27.03
C ASN A 147 -20.37 24.13 25.55
N VAL A 148 -19.35 24.72 24.95
CA VAL A 148 -19.04 24.59 23.54
C VAL A 148 -17.64 24.02 23.32
N LEU A 149 -17.32 23.70 22.07
CA LEU A 149 -16.02 23.16 21.70
C LEU A 149 -14.90 24.15 22.00
N PRO A 150 -14.04 23.82 22.99
CA PRO A 150 -12.95 24.72 23.35
C PRO A 150 -11.87 24.82 22.27
N GLN A 151 -11.36 26.03 22.06
CA GLN A 151 -10.27 26.26 21.12
C GLN A 151 -9.02 25.54 21.68
N GLY A 152 -8.42 24.69 20.87
CA GLY A 152 -7.23 23.94 21.28
C GLY A 152 -7.45 22.62 21.99
N TRP A 153 -8.71 22.16 22.10
CA TRP A 153 -8.98 20.85 22.67
C TRP A 153 -8.86 19.86 21.54
N LYS A 154 -8.48 18.61 21.86
CA LYS A 154 -8.26 17.50 20.93
C LYS A 154 -9.44 17.18 20.01
N GLY A 155 -10.65 17.14 20.54
CA GLY A 155 -11.83 16.75 19.77
C GLY A 155 -12.55 17.83 18.99
N SER A 156 -12.13 19.09 19.13
CA SER A 156 -12.82 20.19 18.47
C SER A 156 -12.84 20.08 16.96
N PRO A 157 -11.67 20.00 16.31
CA PRO A 157 -11.67 19.92 14.85
C PRO A 157 -12.58 18.85 14.28
N ALA A 158 -12.53 17.64 14.86
CA ALA A 158 -13.32 16.50 14.42
C ALA A 158 -14.81 16.64 14.73
N ILE A 159 -15.15 17.17 15.92
CA ILE A 159 -16.55 17.33 16.32
C ILE A 159 -17.20 18.42 15.51
N PHE A 160 -16.47 19.51 15.27
CA PHE A 160 -17.00 20.57 14.44
C PHE A 160 -17.34 19.96 13.08
N GLN A 161 -16.33 19.34 12.45
CA GLN A 161 -16.46 18.68 11.15
C GLN A 161 -17.72 17.84 11.05
N SER A 162 -17.93 16.90 11.98
CA SER A 162 -19.12 16.05 11.97
C SER A 162 -20.40 16.82 12.06
N SER A 163 -20.44 17.81 12.95
CA SER A 163 -21.61 18.65 13.16
C SER A 163 -21.99 19.33 11.85
N MET A 164 -20.99 19.83 11.13
CA MET A 164 -21.23 20.45 9.84
C MET A 164 -21.75 19.44 8.82
N THR A 165 -21.22 18.22 8.86
CA THR A 165 -21.66 17.18 7.94
C THR A 165 -23.13 16.87 8.19
N LYS A 166 -23.51 16.69 9.46
CA LYS A 166 -24.89 16.38 9.82
C LYS A 166 -25.82 17.51 9.41
N ILE A 167 -25.36 18.76 9.60
CA ILE A 167 -26.12 19.96 9.25
C ILE A 167 -26.31 20.07 7.75
N LEU A 168 -25.27 19.74 6.96
CA LEU A 168 -25.35 19.87 5.51
C LEU A 168 -26.09 18.75 4.81
N GLU A 169 -26.27 17.62 5.48
CA GLU A 169 -26.90 16.47 4.85
C GLU A 169 -28.25 16.73 4.17
N PRO A 170 -29.28 17.23 4.91
CA PRO A 170 -30.60 17.45 4.32
C PRO A 170 -30.54 18.33 3.09
N PHE A 171 -29.72 19.38 3.16
CA PHE A 171 -29.53 20.31 2.06
C PHE A 171 -28.89 19.60 0.89
N ARG A 172 -28.01 18.63 1.16
CA ARG A 172 -27.34 17.87 0.12
C ARG A 172 -28.36 17.01 -0.61
N LYS A 173 -29.23 16.33 0.15
CA LYS A 173 -30.26 15.47 -0.40
C LYS A 173 -31.20 16.25 -1.31
N GLN A 174 -31.66 17.41 -0.87
CA GLN A 174 -32.60 18.22 -1.65
C GLN A 174 -31.92 19.00 -2.77
N ASN A 175 -30.58 18.93 -2.86
CA ASN A 175 -29.82 19.64 -3.90
C ASN A 175 -28.65 18.80 -4.37
N PRO A 176 -28.96 17.61 -4.92
CA PRO A 176 -27.89 16.69 -5.36
C PRO A 176 -26.90 17.26 -6.37
N ASP A 177 -27.34 18.24 -7.17
CA ASP A 177 -26.52 18.84 -8.21
C ASP A 177 -25.77 20.12 -7.82
N ILE A 178 -25.34 20.18 -6.56
CA ILE A 178 -24.58 21.32 -6.04
C ILE A 178 -23.40 20.76 -5.28
N VAL A 179 -22.23 21.32 -5.50
CA VAL A 179 -21.05 20.82 -4.82
C VAL A 179 -20.68 21.69 -3.67
N ILE A 180 -20.45 21.06 -2.53
CA ILE A 180 -20.05 21.74 -1.32
C ILE A 180 -18.81 21.04 -0.84
N TYR A 181 -17.79 21.82 -0.58
CA TYR A 181 -16.53 21.32 -0.05
C TYR A 181 -16.38 21.83 1.38
N GLN A 182 -16.23 20.91 2.33
CA GLN A 182 -15.99 21.24 3.72
C GLN A 182 -14.48 21.30 3.98
N TYR A 183 -14.00 22.42 4.52
CA TYR A 183 -12.59 22.52 4.83
C TYR A 183 -12.40 23.36 6.05
N MET A 184 -12.11 22.69 7.18
CA MET A 184 -11.92 23.36 8.46
C MET A 184 -13.21 24.17 8.69
N ASP A 185 -13.09 25.49 8.83
CA ASP A 185 -14.23 26.38 9.07
C ASP A 185 -14.76 26.99 7.77
N ASP A 186 -14.10 26.69 6.63
CA ASP A 186 -14.53 27.22 5.34
C ASP A 186 -15.58 26.32 4.72
N LEU A 187 -16.24 26.84 3.69
CA LEU A 187 -17.27 26.14 2.97
C LEU A 187 -17.34 26.72 1.57
N TYR A 188 -16.95 25.91 0.57
CA TYR A 188 -16.97 26.35 -0.83
C TYR A 188 -18.15 25.73 -1.52
N VAL A 189 -18.83 26.52 -2.35
CA VAL A 189 -20.05 26.06 -3.02
C VAL A 189 -19.96 26.29 -4.51
N GLY A 190 -20.28 25.27 -5.28
CA GLY A 190 -20.28 25.37 -6.73
C GLY A 190 -21.52 24.82 -7.38
N SER A 191 -21.95 25.49 -8.45
CA SER A 191 -23.11 25.10 -9.25
C SER A 191 -22.89 25.51 -10.68
N ASP A 192 -23.72 24.96 -11.56
CA ASP A 192 -23.70 25.31 -12.97
C ASP A 192 -24.94 26.14 -13.30
N LEU A 193 -25.42 26.92 -12.32
CA LEU A 193 -26.59 27.79 -12.44
C LEU A 193 -26.11 29.19 -12.78
N GLU A 194 -26.94 29.98 -13.47
CA GLU A 194 -26.60 31.37 -13.83
C GLU A 194 -26.81 32.16 -12.57
N ILE A 195 -25.81 32.95 -12.16
CA ILE A 195 -25.85 33.80 -10.95
C ILE A 195 -27.20 33.78 -10.24
N GLY A 196 -28.20 34.45 -10.83
CA GLY A 196 -29.55 34.53 -10.30
C GLY A 196 -29.92 33.39 -9.37
N GLN A 197 -30.15 32.19 -9.93
CA GLN A 197 -30.52 30.99 -9.17
C GLN A 197 -29.46 30.63 -8.14
N HIS A 198 -28.19 30.81 -8.51
CA HIS A 198 -27.08 30.48 -7.63
C HIS A 198 -27.06 31.31 -6.35
N ARG A 199 -27.21 32.65 -6.45
CA ARG A 199 -27.24 33.49 -5.27
C ARG A 199 -28.44 33.12 -4.41
N THR A 200 -29.52 32.68 -5.06
CA THR A 200 -30.74 32.23 -4.40
C THR A 200 -30.46 30.94 -3.64
N LYS A 201 -29.75 30.01 -4.30
CA LYS A 201 -29.39 28.73 -3.70
C LYS A 201 -28.42 28.95 -2.55
N ILE A 202 -27.55 29.95 -2.69
CA ILE A 202 -26.61 30.32 -1.64
C ILE A 202 -27.37 30.81 -0.44
N GLU A 203 -28.24 31.79 -0.67
CA GLU A 203 -29.06 32.38 0.37
C GLU A 203 -29.85 31.34 1.09
N GLU A 204 -30.46 30.38 0.36
CA GLU A 204 -31.24 29.32 0.96
C GLU A 204 -30.34 28.51 1.87
N LEU A 205 -29.10 28.25 1.41
CA LEU A 205 -28.13 27.49 2.18
C LEU A 205 -27.81 28.18 3.50
N ARG A 206 -27.43 29.45 3.42
CA ARG A 206 -27.11 30.24 4.60
C ARG A 206 -28.27 30.22 5.60
N GLN A 207 -29.50 30.31 5.11
CA GLN A 207 -30.69 30.30 5.95
C GLN A 207 -30.79 28.96 6.63
N HIS A 208 -30.41 27.88 5.93
CA HIS A 208 -30.45 26.54 6.51
C HIS A 208 -29.39 26.45 7.60
N LEU A 209 -28.24 27.08 7.36
CA LEU A 209 -27.15 27.06 8.31
C LEU A 209 -27.49 27.91 9.51
N LEU A 210 -27.93 29.14 9.26
CA LEU A 210 -28.33 30.05 10.34
C LEU A 210 -29.41 29.42 11.21
N ARG A 211 -30.33 28.69 10.58
CA ARG A 211 -31.39 28.00 11.29
C ARG A 211 -30.79 26.96 12.22
N TRP A 212 -29.49 26.68 12.05
CA TRP A 212 -28.74 25.71 12.83
C TRP A 212 -27.61 26.29 13.68
N GLY A 213 -27.61 27.59 13.93
CA GLY A 213 -26.62 28.23 14.79
C GLY A 213 -25.32 28.66 14.16
N LEU A 214 -25.22 28.61 12.83
CA LEU A 214 -23.99 28.98 12.15
C LEU A 214 -24.12 30.22 11.29
N THR A 215 -23.33 31.23 11.62
CA THR A 215 -23.27 32.53 10.95
C THR A 215 -22.32 32.48 9.77
N THR A 216 -22.67 33.16 8.69
CA THR A 216 -21.82 33.24 7.50
C THR A 216 -21.78 34.66 7.01
N PRO A 217 -20.85 35.00 6.10
CA PRO A 217 -20.82 36.36 5.58
C PRO A 217 -21.90 36.58 4.51
N ASP A 218 -22.48 37.79 4.48
CA ASP A 218 -23.47 38.06 3.46
C ASP A 218 -23.00 38.81 2.26
N LYS A 219 -23.28 38.22 1.09
CA LYS A 219 -22.90 38.68 -0.24
C LYS A 219 -21.71 39.62 -0.22
N LYS A 220 -21.95 40.88 0.16
CA LYS A 220 -20.95 41.95 0.25
C LYS A 220 -19.76 41.64 1.17
N HIS A 221 -19.83 40.56 1.94
CA HIS A 221 -18.77 40.17 2.87
C HIS A 221 -18.02 38.95 2.40
N GLN A 222 -18.50 38.32 1.33
CA GLN A 222 -17.90 37.13 0.75
C GLN A 222 -16.69 37.58 -0.01
N LYS A 223 -15.66 36.72 -0.01
CA LYS A 223 -14.42 36.96 -0.72
C LYS A 223 -14.72 36.92 -2.21
N GLU A 224 -13.85 37.54 -3.00
CA GLU A 224 -13.99 37.61 -4.44
C GLU A 224 -12.74 37.07 -5.11
N PRO A 225 -12.87 36.32 -6.24
CA PRO A 225 -11.69 35.80 -6.93
C PRO A 225 -10.68 36.89 -7.31
N PRO A 226 -9.36 36.63 -7.25
CA PRO A 226 -8.67 35.39 -6.88
C PRO A 226 -8.80 35.01 -5.41
N PHE A 227 -8.85 33.69 -5.14
CA PHE A 227 -8.91 33.17 -3.79
C PHE A 227 -7.52 32.66 -3.49
N LEU A 228 -6.94 33.09 -2.38
CA LEU A 228 -5.64 32.62 -1.98
C LEU A 228 -5.91 31.52 -0.99
N TRP A 229 -5.97 30.27 -1.51
CA TRP A 229 -6.29 29.09 -0.72
C TRP A 229 -5.11 28.16 -0.58
N MET A 230 -4.76 27.81 0.65
CA MET A 230 -3.69 26.87 0.98
C MET A 230 -2.52 26.75 0.00
N GLY A 231 -1.92 27.87 -0.34
CA GLY A 231 -0.77 27.92 -1.23
C GLY A 231 -1.11 28.17 -2.68
N TYR A 232 -2.41 28.12 -3.02
CA TYR A 232 -2.88 28.31 -4.38
C TYR A 232 -3.58 29.64 -4.60
N GLU A 233 -3.68 30.02 -5.88
CA GLU A 233 -4.38 31.21 -6.33
C GLU A 233 -5.51 30.68 -7.22
N LEU A 234 -6.75 30.78 -6.75
CA LEU A 234 -7.87 30.25 -7.52
C LEU A 234 -8.63 31.32 -8.26
N HIS A 235 -8.87 31.12 -9.55
CA HIS A 235 -9.61 32.02 -10.41
C HIS A 235 -10.81 31.20 -10.86
N PRO A 236 -11.91 31.75 -11.37
CA PRO A 236 -13.03 30.86 -11.72
C PRO A 236 -12.77 29.82 -12.80
N ASP A 237 -11.79 30.05 -13.69
CA ASP A 237 -11.52 29.12 -14.79
C ASP A 237 -10.10 28.63 -14.89
N LYS A 238 -9.25 28.97 -13.92
CA LYS A 238 -7.86 28.58 -13.92
C LYS A 238 -7.29 28.66 -12.51
N TRP A 239 -6.15 28.00 -12.27
CA TRP A 239 -5.48 28.02 -10.99
C TRP A 239 -3.99 28.06 -11.21
N THR A 240 -3.24 28.30 -10.16
CA THR A 240 -1.80 28.32 -10.22
C THR A 240 -1.26 28.30 -8.80
N VAL A 241 0.04 28.42 -8.66
CA VAL A 241 0.71 28.51 -7.39
C VAL A 241 0.82 29.97 -6.95
N GLN A 242 0.67 30.22 -5.64
CA GLN A 242 0.80 31.54 -5.06
C GLN A 242 2.13 32.11 -5.54
N PRO A 243 2.18 33.42 -5.89
CA PRO A 243 3.43 34.02 -6.37
C PRO A 243 4.69 33.51 -5.68
N ILE A 244 5.56 32.89 -6.46
CA ILE A 244 6.83 32.34 -5.99
C ILE A 244 7.98 33.28 -6.33
N VAL A 245 8.76 33.65 -5.31
CA VAL A 245 9.90 34.55 -5.47
C VAL A 245 11.19 33.82 -5.16
N LEU A 246 12.02 33.60 -6.18
CA LEU A 246 13.31 32.95 -5.98
C LEU A 246 14.34 33.99 -5.55
N PRO A 247 14.74 33.94 -4.27
CA PRO A 247 15.68 34.94 -3.73
C PRO A 247 17.01 35.06 -4.44
N GLU A 248 17.32 36.27 -4.91
CA GLU A 248 18.60 36.54 -5.55
C GLU A 248 19.58 36.70 -4.40
N LYS A 249 20.58 35.83 -4.32
CA LYS A 249 21.46 35.85 -3.17
C LYS A 249 22.89 35.45 -3.47
N ASP A 250 23.81 35.98 -2.68
CA ASP A 250 25.21 35.66 -2.77
C ASP A 250 25.44 34.89 -1.49
N SER A 251 25.97 33.68 -1.60
CA SER A 251 26.18 32.80 -0.44
C SER A 251 24.83 32.27 0.03
N TRP A 252 24.64 30.95 -0.07
CA TRP A 252 23.40 30.29 0.33
C TRP A 252 23.62 29.48 1.57
N THR A 253 22.66 29.50 2.47
CA THR A 253 22.73 28.71 3.69
C THR A 253 21.90 27.46 3.46
N VAL A 254 22.09 26.45 4.31
CA VAL A 254 21.31 25.24 4.26
C VAL A 254 19.83 25.63 4.31
N ASN A 255 19.49 26.53 5.28
CA ASN A 255 18.12 27.01 5.43
C ASN A 255 17.58 27.62 4.13
N ASP A 256 18.40 28.42 3.43
CA ASP A 256 18.00 29.03 2.17
C ASP A 256 17.71 28.01 1.09
N ILE A 257 18.59 27.00 0.96
CA ILE A 257 18.45 25.95 -0.05
C ILE A 257 17.25 25.09 0.27
N GLN A 258 17.01 24.87 1.57
CA GLN A 258 15.88 24.08 2.04
C GLN A 258 14.58 24.75 1.61
N LYS A 259 14.46 26.05 1.90
CA LYS A 259 13.28 26.79 1.51
C LYS A 259 13.16 26.82 0.01
N LEU A 260 14.30 26.93 -0.69
CA LEU A 260 14.31 26.97 -2.15
C LEU A 260 13.74 25.68 -2.70
N VAL A 261 14.25 24.55 -2.23
CA VAL A 261 13.72 23.26 -2.69
C VAL A 261 12.22 23.16 -2.42
N GLY A 262 11.79 23.67 -1.27
CA GLY A 262 10.40 23.67 -0.87
C GLY A 262 9.53 24.39 -1.87
N LYS A 263 9.90 25.64 -2.19
CA LYS A 263 9.14 26.44 -3.14
C LYS A 263 9.13 25.80 -4.50
N LEU A 264 10.28 25.27 -4.92
CA LEU A 264 10.39 24.61 -6.21
C LEU A 264 9.50 23.38 -6.31
N ASN A 265 9.57 22.48 -5.30
CA ASN A 265 8.74 21.27 -5.27
C ASN A 265 7.29 21.67 -5.33
N TRP A 266 6.98 22.77 -4.68
CA TRP A 266 5.65 23.31 -4.64
C TRP A 266 5.21 23.83 -6.01
N ALA A 267 6.09 24.60 -6.65
CA ALA A 267 5.80 25.14 -7.96
C ALA A 267 5.67 24.02 -9.01
N SER A 268 6.31 22.86 -8.79
CA SER A 268 6.27 21.74 -9.73
C SER A 268 4.87 21.21 -10.02
N GLN A 269 3.85 21.68 -9.28
CA GLN A 269 2.47 21.24 -9.44
C GLN A 269 1.87 21.74 -10.74
N ILE A 270 2.42 22.85 -11.27
CA ILE A 270 1.88 23.44 -12.49
C ILE A 270 2.94 23.91 -13.46
N TYR A 271 4.12 24.23 -12.95
CA TYR A 271 5.21 24.65 -13.81
C TYR A 271 5.95 23.39 -14.25
N PRO A 272 5.92 23.05 -15.55
CA PRO A 272 6.62 21.83 -15.99
C PRO A 272 8.11 22.05 -16.16
N GLY A 273 8.86 20.99 -15.95
CA GLY A 273 10.30 21.02 -16.15
C GLY A 273 11.17 21.30 -14.95
N ILE A 274 10.58 21.74 -13.83
CA ILE A 274 11.36 22.02 -12.63
C ILE A 274 12.24 20.84 -12.22
N LYS A 275 13.52 21.10 -12.05
CA LYS A 275 14.50 20.10 -11.65
C LYS A 275 14.99 20.53 -10.28
N VAL A 276 15.05 19.59 -9.33
CA VAL A 276 15.47 19.92 -7.97
C VAL A 276 16.65 19.05 -7.53
N ARG A 277 16.89 17.96 -8.26
CA ARG A 277 17.92 16.98 -7.98
C ARG A 277 19.28 17.57 -7.60
N GLN A 278 19.78 18.53 -8.38
CA GLN A 278 21.09 19.10 -8.11
C GLN A 278 21.17 19.97 -6.85
N LEU A 279 20.02 20.51 -6.43
CA LEU A 279 19.97 21.31 -5.23
C LEU A 279 19.92 20.40 -4.03
N CYS A 280 19.12 19.32 -4.09
CA CYS A 280 19.03 18.36 -3.01
C CYS A 280 20.39 17.80 -2.67
N LYS A 281 21.20 17.50 -3.71
CA LYS A 281 22.55 16.99 -3.51
C LYS A 281 23.35 17.84 -2.54
N LEU A 282 23.25 19.17 -2.64
CA LEU A 282 23.95 20.07 -1.75
C LEU A 282 23.54 19.85 -0.30
N LEU A 283 22.27 19.50 -0.09
CA LEU A 283 21.71 19.25 1.24
C LEU A 283 22.12 17.91 1.86
N ARG A 284 23.16 17.27 1.32
CA ARG A 284 23.62 15.99 1.86
C ARG A 284 24.72 16.21 2.89
N GLY A 285 24.56 15.59 4.06
CA GLY A 285 25.51 15.71 5.15
C GLY A 285 25.27 16.94 6.00
N THR A 286 24.80 18.04 5.37
CA THR A 286 24.42 19.34 5.94
C THR A 286 25.08 19.71 7.25
N LYS A 287 24.79 18.93 8.31
CA LYS A 287 25.30 19.08 9.67
C LYS A 287 24.92 20.43 10.31
N ALA A 288 24.53 21.45 9.50
CA ALA A 288 24.18 22.76 10.04
C ALA A 288 23.03 23.42 9.29
N LEU A 289 22.51 24.56 9.80
CA LEU A 289 21.38 25.27 9.19
C LEU A 289 21.78 26.67 8.73
N THR A 290 22.70 27.27 9.47
CA THR A 290 23.23 28.61 9.18
C THR A 290 24.51 28.48 8.36
N GLU A 291 25.04 27.26 8.20
CA GLU A 291 26.25 27.09 7.42
C GLU A 291 25.96 27.38 5.95
N VAL A 292 26.81 28.19 5.31
CA VAL A 292 26.62 28.48 3.91
C VAL A 292 27.21 27.35 3.09
N ILE A 293 26.54 27.05 1.98
CA ILE A 293 26.97 26.01 1.08
C ILE A 293 27.23 26.60 -0.29
N PRO A 294 28.47 26.44 -0.79
CA PRO A 294 28.80 26.93 -2.14
C PRO A 294 28.05 26.12 -3.19
N LEU A 295 27.51 26.81 -4.19
CA LEU A 295 26.75 26.15 -5.24
C LEU A 295 27.65 25.55 -6.27
N THR A 296 27.41 24.28 -6.58
CA THR A 296 28.13 23.57 -7.63
C THR A 296 27.73 24.18 -8.97
N GLU A 297 28.54 23.94 -10.00
CA GLU A 297 28.27 24.40 -11.36
C GLU A 297 26.89 23.86 -11.80
N GLU A 298 26.62 22.59 -11.45
CA GLU A 298 25.37 21.92 -11.78
C GLU A 298 24.16 22.56 -11.11
N ALA A 299 24.29 22.92 -9.82
CA ALA A 299 23.20 23.55 -9.09
C ALA A 299 22.91 24.91 -9.67
N GLU A 300 23.97 25.69 -9.99
CA GLU A 300 23.81 27.01 -10.58
C GLU A 300 23.04 26.91 -11.90
N LEU A 301 23.35 25.89 -12.70
CA LEU A 301 22.68 25.67 -13.98
C LEU A 301 21.23 25.31 -13.76
N GLU A 302 21.00 24.37 -12.83
CA GLU A 302 19.67 23.92 -12.45
C GLU A 302 18.84 25.13 -11.97
N LEU A 303 19.36 25.89 -11.02
CA LEU A 303 18.69 27.07 -10.53
C LEU A 303 18.34 28.05 -11.65
N ALA A 304 19.28 28.24 -12.58
CA ALA A 304 19.09 29.14 -13.71
C ALA A 304 17.97 28.62 -14.59
N GLU A 305 18.00 27.30 -14.87
CA GLU A 305 16.97 26.64 -15.66
C GLU A 305 15.60 26.79 -15.00
N ASN A 306 15.55 26.75 -13.64
CA ASN A 306 14.31 26.92 -12.90
C ASN A 306 13.77 28.32 -13.03
N ARG A 307 14.65 29.34 -12.92
CA ARG A 307 14.28 30.76 -13.05
C ARG A 307 13.59 30.99 -14.37
N GLU A 308 14.18 30.47 -15.46
CA GLU A 308 13.64 30.61 -16.81
C GLU A 308 12.20 30.12 -16.83
N ILE A 309 11.98 28.92 -16.27
CA ILE A 309 10.68 28.29 -16.17
C ILE A 309 9.69 29.15 -15.41
N LEU A 310 10.13 29.71 -14.29
CA LEU A 310 9.27 30.50 -13.42
C LEU A 310 9.07 31.93 -13.84
N LYS A 311 9.88 32.41 -14.80
CA LYS A 311 9.78 33.77 -15.30
C LYS A 311 8.44 34.00 -15.97
N GLU A 312 8.00 32.97 -16.70
CA GLU A 312 6.75 32.92 -17.44
C GLU A 312 5.62 32.32 -16.57
N PRO A 313 4.65 33.17 -16.12
CA PRO A 313 3.54 32.66 -15.30
C PRO A 313 2.66 31.67 -16.05
N VAL A 314 2.49 30.50 -15.44
CA VAL A 314 1.71 29.37 -15.98
C VAL A 314 0.47 29.15 -15.15
N HIS A 315 -0.61 28.71 -15.79
CA HIS A 315 -1.87 28.42 -15.12
C HIS A 315 -2.38 27.03 -15.44
N GLY A 316 -3.16 26.48 -14.52
CA GLY A 316 -3.77 25.18 -14.68
C GLY A 316 -5.25 25.33 -14.97
N VAL A 317 -5.81 24.39 -15.71
CA VAL A 317 -7.23 24.40 -16.05
C VAL A 317 -7.95 23.46 -15.08
N TYR A 318 -9.30 23.51 -15.06
CA TYR A 318 -10.13 22.66 -14.18
C TYR A 318 -10.62 21.39 -14.87
N TYR A 319 -11.12 20.46 -14.07
CA TYR A 319 -11.59 19.16 -14.50
C TYR A 319 -12.97 19.10 -15.11
N ASP A 320 -13.06 18.42 -16.25
CA ASP A 320 -14.30 18.16 -16.97
C ASP A 320 -14.56 16.67 -16.84
N PRO A 321 -15.59 16.30 -16.06
CA PRO A 321 -15.88 14.87 -15.85
C PRO A 321 -16.20 14.06 -17.08
N SER A 322 -16.62 14.75 -18.16
CA SER A 322 -17.00 14.06 -19.39
C SER A 322 -15.83 13.68 -20.30
N LYS A 323 -14.67 14.31 -20.13
CA LYS A 323 -13.51 14.03 -20.96
C LYS A 323 -12.49 13.12 -20.31
N ASP A 324 -11.69 12.44 -21.15
CA ASP A 324 -10.66 11.55 -20.64
C ASP A 324 -9.50 12.33 -20.11
N LEU A 325 -8.75 11.74 -19.17
CA LEU A 325 -7.56 12.37 -18.63
C LEU A 325 -6.41 11.74 -19.37
N ILE A 326 -5.41 12.53 -19.71
CA ILE A 326 -4.25 12.04 -20.43
C ILE A 326 -3.00 12.44 -19.70
N ALA A 327 -2.14 11.48 -19.39
CA ALA A 327 -0.90 11.78 -18.71
C ALA A 327 0.28 11.48 -19.62
N GLU A 328 1.20 12.42 -19.73
CA GLU A 328 2.39 12.28 -20.55
C GLU A 328 3.60 12.34 -19.63
N ILE A 329 4.61 11.51 -19.91
CA ILE A 329 5.82 11.48 -19.10
C ILE A 329 7.03 11.66 -19.98
N GLN A 330 8.03 12.41 -19.48
CA GLN A 330 9.31 12.57 -20.18
C GLN A 330 10.45 12.40 -19.21
N LYS A 331 11.58 11.89 -19.72
CA LYS A 331 12.80 11.69 -18.95
C LYS A 331 13.54 13.03 -19.01
N GLN A 332 13.81 13.61 -17.83
CA GLN A 332 14.51 14.89 -17.73
C GLN A 332 16.02 14.70 -17.65
N GLY A 333 16.42 13.55 -17.16
CA GLY A 333 17.82 13.20 -17.00
C GLY A 333 17.98 12.03 -16.07
N GLN A 334 19.15 11.92 -15.48
CA GLN A 334 19.50 10.84 -14.55
C GLN A 334 18.46 10.72 -13.45
N GLY A 335 17.62 9.70 -13.56
CA GLY A 335 16.57 9.41 -12.59
C GLY A 335 15.56 10.51 -12.40
N GLN A 336 15.49 11.45 -13.35
CA GLN A 336 14.57 12.58 -13.29
C GLN A 336 13.45 12.43 -14.32
N TRP A 337 12.20 12.54 -13.88
CA TRP A 337 11.03 12.41 -14.74
C TRP A 337 10.05 13.51 -14.44
N THR A 338 9.39 14.03 -15.47
CA THR A 338 8.35 15.03 -15.35
C THR A 338 7.15 14.49 -16.06
N TYR A 339 5.97 14.98 -15.69
CA TYR A 339 4.75 14.56 -16.33
C TYR A 339 3.79 15.70 -16.34
N GLN A 340 2.74 15.58 -17.12
CA GLN A 340 1.68 16.57 -17.18
C GLN A 340 0.40 15.87 -17.50
N ILE A 341 -0.70 16.38 -16.95
CA ILE A 341 -2.00 15.77 -17.14
C ILE A 341 -2.92 16.79 -17.74
N TYR A 342 -3.59 16.43 -18.83
CA TYR A 342 -4.51 17.33 -19.49
C TYR A 342 -5.66 16.54 -20.07
N GLN A 343 -6.65 17.24 -20.57
CA GLN A 343 -7.82 16.60 -21.20
C GLN A 343 -7.89 17.04 -22.66
N GLU A 344 -7.51 18.30 -22.91
CA GLU A 344 -7.45 18.94 -24.20
C GLU A 344 -5.99 19.22 -24.45
N PRO A 345 -5.43 18.61 -25.54
CA PRO A 345 -4.01 18.77 -25.83
C PRO A 345 -3.32 20.05 -25.42
N PHE A 346 -2.51 19.89 -24.38
CA PHE A 346 -1.60 20.88 -23.82
C PHE A 346 -2.18 21.90 -22.87
N LYS A 347 -3.47 21.77 -22.56
CA LYS A 347 -4.16 22.62 -21.57
C LYS A 347 -4.10 21.83 -20.24
N ASN A 348 -2.98 21.95 -19.52
CA ASN A 348 -2.72 21.17 -18.30
C ASN A 348 -3.64 21.44 -17.15
N LEU A 349 -4.20 20.35 -16.57
CA LEU A 349 -4.98 20.43 -15.34
C LEU A 349 -3.91 20.44 -14.24
N LYS A 350 -2.81 19.71 -14.47
CA LYS A 350 -1.76 19.58 -13.48
C LYS A 350 -0.44 19.09 -14.07
N THR A 351 0.65 19.39 -13.35
CA THR A 351 2.02 19.00 -13.66
C THR A 351 2.60 18.23 -12.43
N GLY A 352 3.75 17.61 -12.63
CA GLY A 352 4.46 16.92 -11.56
C GLY A 352 5.80 16.38 -11.98
N LYS A 353 6.53 15.83 -11.01
CA LYS A 353 7.84 15.25 -11.25
C LYS A 353 8.04 13.99 -10.41
N TYR A 354 8.96 13.14 -10.85
CA TYR A 354 9.27 11.91 -10.16
C TYR A 354 10.76 11.72 -10.16
N ALA A 355 11.34 11.35 -9.01
CA ALA A 355 12.78 11.09 -8.89
C ALA A 355 13.09 10.20 -7.70
N ARG A 356 12.43 9.05 -7.59
CA ARG A 356 12.71 8.21 -6.44
C ARG A 356 14.01 7.39 -6.57
N MET A 357 13.95 6.21 -5.94
CA MET A 357 14.96 5.18 -5.69
C MET A 357 16.43 5.57 -5.81
N ARG A 358 16.98 5.92 -4.64
CA ARG A 358 18.37 6.30 -4.34
C ARG A 358 19.50 5.49 -5.06
N GLY A 359 19.24 5.02 -6.29
CA GLY A 359 20.17 4.25 -7.12
C GLY A 359 20.41 2.82 -6.67
N ALA A 360 19.39 2.17 -6.08
CA ALA A 360 19.45 0.79 -5.60
C ALA A 360 19.55 -0.17 -6.79
N HIS A 361 20.30 0.24 -7.85
CA HIS A 361 20.48 -0.47 -9.12
C HIS A 361 19.11 -0.49 -9.80
N THR A 362 18.98 0.25 -10.90
CA THR A 362 17.73 0.35 -11.66
C THR A 362 18.03 0.72 -13.09
N ASN A 363 16.98 0.67 -13.90
CA ASN A 363 17.04 1.06 -15.29
C ASN A 363 15.85 1.98 -15.58
N ASP A 364 15.86 2.62 -16.75
CA ASP A 364 14.80 3.52 -17.17
C ASP A 364 13.43 2.87 -17.29
N VAL A 365 13.37 1.58 -17.62
CA VAL A 365 12.10 0.90 -17.75
C VAL A 365 11.44 0.76 -16.38
N LYS A 366 12.21 0.39 -15.37
CA LYS A 366 11.70 0.24 -14.00
C LYS A 366 11.21 1.60 -13.51
N GLN A 367 12.01 2.63 -13.73
CA GLN A 367 11.70 3.99 -13.31
C GLN A 367 10.44 4.51 -13.94
N LEU A 368 10.32 4.33 -15.24
CA LEU A 368 9.14 4.80 -15.95
C LEU A 368 7.92 4.13 -15.37
N THR A 369 8.02 2.80 -15.13
CA THR A 369 6.92 2.03 -14.54
C THR A 369 6.52 2.60 -13.18
N GLU A 370 7.52 2.96 -12.40
CA GLU A 370 7.32 3.52 -11.07
C GLU A 370 6.59 4.85 -11.18
N ALA A 371 7.03 5.70 -12.12
CA ALA A 371 6.41 6.99 -12.33
C ALA A 371 4.94 6.77 -12.74
N VAL A 372 4.68 5.81 -13.64
CA VAL A 372 3.31 5.50 -14.05
C VAL A 372 2.44 5.13 -12.83
N GLN A 373 3.01 4.31 -11.94
CA GLN A 373 2.32 3.86 -10.76
C GLN A 373 1.92 5.05 -9.88
N LYS A 374 2.89 5.92 -9.59
CA LYS A 374 2.70 7.10 -8.77
C LYS A 374 1.59 7.98 -9.38
N ILE A 375 1.68 8.23 -10.69
CA ILE A 375 0.68 9.03 -11.37
C ILE A 375 -0.69 8.36 -11.28
N THR A 376 -0.74 7.05 -11.45
CA THR A 376 -2.00 6.34 -11.38
C THR A 376 -2.69 6.56 -10.01
N THR A 377 -1.91 6.44 -8.91
CA THR A 377 -2.44 6.63 -7.57
C THR A 377 -3.00 8.04 -7.39
N GLU A 378 -2.21 9.06 -7.72
CA GLU A 378 -2.72 10.41 -7.56
C GLU A 378 -3.95 10.70 -8.41
N SER A 379 -4.00 10.14 -9.63
CA SER A 379 -5.18 10.35 -10.47
C SER A 379 -6.43 9.80 -9.81
N ILE A 380 -6.31 8.61 -9.21
CA ILE A 380 -7.46 8.03 -8.52
C ILE A 380 -7.92 8.92 -7.37
N VAL A 381 -6.97 9.41 -6.59
CA VAL A 381 -7.24 10.32 -5.48
C VAL A 381 -7.91 11.63 -5.97
N ILE A 382 -7.31 12.26 -6.95
CA ILE A 382 -7.81 13.53 -7.45
C ILE A 382 -9.06 13.47 -8.30
N TRP A 383 -9.17 12.48 -9.21
CA TRP A 383 -10.30 12.43 -10.13
C TRP A 383 -11.17 11.20 -10.05
N GLY A 384 -10.78 10.23 -9.23
CA GLY A 384 -11.56 8.99 -9.13
C GLY A 384 -11.42 8.07 -10.34
N LYS A 385 -10.43 8.34 -11.22
CA LYS A 385 -10.17 7.49 -12.39
C LYS A 385 -8.72 7.56 -12.87
N THR A 386 -8.28 6.53 -13.59
CA THR A 386 -6.92 6.47 -14.10
C THR A 386 -6.83 7.14 -15.45
N PRO A 387 -5.72 7.84 -15.72
CA PRO A 387 -5.57 8.49 -17.02
C PRO A 387 -5.06 7.53 -18.10
N LYS A 388 -5.10 7.98 -19.35
CA LYS A 388 -4.57 7.24 -20.49
C LYS A 388 -3.14 7.75 -20.62
N PHE A 389 -2.17 6.83 -20.68
CA PHE A 389 -0.76 7.22 -20.73
C PHE A 389 -0.14 7.39 -22.13
N LYS A 390 0.78 8.34 -22.21
CA LYS A 390 1.57 8.65 -23.39
C LYS A 390 3.00 8.50 -22.93
N LEU A 391 3.63 7.39 -23.32
CA LEU A 391 4.99 7.07 -22.87
C LEU A 391 6.05 7.08 -23.95
N PRO A 392 7.25 7.55 -23.56
CA PRO A 392 8.41 7.60 -24.48
C PRO A 392 9.17 6.26 -24.48
N ILE A 393 8.45 5.16 -24.70
CA ILE A 393 9.00 3.81 -24.75
C ILE A 393 8.21 3.03 -25.80
N GLN A 394 8.91 2.23 -26.62
CA GLN A 394 8.29 1.41 -27.65
C GLN A 394 7.54 0.26 -27.03
N LYS A 395 6.39 -0.07 -27.62
CA LYS A 395 5.61 -1.21 -27.15
C LYS A 395 6.50 -2.46 -27.11
N GLU A 396 7.37 -2.61 -28.10
CA GLU A 396 8.30 -3.73 -28.24
C GLU A 396 9.27 -3.74 -27.05
N THR A 397 9.90 -2.60 -26.76
CA THR A 397 10.81 -2.52 -25.63
C THR A 397 10.07 -2.94 -24.36
N TRP A 398 8.85 -2.44 -24.18
CA TRP A 398 8.04 -2.73 -23.00
C TRP A 398 7.74 -4.20 -22.85
N GLU A 399 7.21 -4.83 -23.90
CA GLU A 399 6.87 -6.26 -23.89
C GLU A 399 8.10 -7.11 -23.63
N THR A 400 9.21 -6.78 -24.28
CA THR A 400 10.46 -7.53 -24.09
C THR A 400 10.84 -7.52 -22.62
N TRP A 401 10.86 -6.33 -22.00
CA TRP A 401 11.23 -6.25 -20.60
C TRP A 401 10.27 -6.98 -19.69
N TRP A 402 8.97 -6.64 -19.72
CA TRP A 402 7.98 -7.26 -18.84
C TRP A 402 7.94 -8.76 -18.91
N THR A 403 7.86 -9.33 -20.12
CA THR A 403 7.74 -10.77 -20.29
C THR A 403 8.87 -11.52 -19.63
N GLU A 404 10.09 -10.96 -19.72
CA GLU A 404 11.29 -11.61 -19.19
C GLU A 404 11.68 -11.30 -17.74
N TYR A 405 11.14 -10.20 -17.19
CA TYR A 405 11.45 -9.80 -15.82
C TYR A 405 10.80 -10.74 -14.83
N TRP A 406 11.36 -10.88 -13.62
CA TRP A 406 10.83 -11.79 -12.60
C TRP A 406 9.64 -11.25 -11.82
N GLN A 407 9.50 -9.93 -11.77
CA GLN A 407 8.40 -9.30 -11.03
C GLN A 407 7.22 -9.04 -11.91
N ALA A 408 6.01 -9.27 -11.38
CA ALA A 408 4.79 -8.99 -12.09
C ALA A 408 4.72 -7.48 -12.22
N THR A 409 4.35 -7.00 -13.39
CA THR A 409 4.23 -5.57 -13.62
C THR A 409 3.09 -5.31 -14.56
N TRP A 410 2.53 -4.07 -14.53
CA TRP A 410 1.42 -3.76 -15.39
C TRP A 410 1.04 -2.32 -15.50
N ILE A 411 1.19 -1.78 -16.70
CA ILE A 411 0.83 -0.41 -17.00
C ILE A 411 -0.59 -0.37 -17.57
N PRO A 412 -1.44 0.57 -17.08
CA PRO A 412 -2.78 0.73 -17.68
C PRO A 412 -2.65 1.12 -19.16
N GLU A 413 -3.77 1.30 -19.86
CA GLU A 413 -3.78 1.68 -21.26
C GLU A 413 -2.80 2.82 -21.58
N TRP A 414 -1.84 2.54 -22.47
CA TRP A 414 -0.86 3.54 -22.88
C TRP A 414 -0.57 3.47 -24.37
N GLU A 415 0.03 4.53 -24.85
CA GLU A 415 0.35 4.75 -26.23
C GLU A 415 1.76 5.30 -26.30
N PHE A 416 2.52 4.82 -27.29
CA PHE A 416 3.89 5.29 -27.49
C PHE A 416 3.84 6.71 -28.05
N VAL A 417 4.78 7.55 -27.62
CA VAL A 417 4.89 8.90 -28.12
C VAL A 417 6.35 9.18 -28.37
N ASN A 418 6.69 9.52 -29.60
CA ASN A 418 8.09 9.76 -29.95
C ASN A 418 8.62 11.08 -29.41
N THR A 419 8.94 11.09 -28.12
CA THR A 419 9.47 12.26 -27.42
C THR A 419 10.82 11.97 -26.77
N PRO A 420 11.93 12.13 -27.51
CA PRO A 420 13.25 11.84 -26.94
C PRO A 420 13.57 12.63 -25.67
N PRO A 421 14.44 12.08 -24.79
CA PRO A 421 15.08 10.75 -24.90
C PRO A 421 14.15 9.59 -24.67
N LEU A 422 14.18 8.62 -25.60
CA LEU A 422 13.38 7.42 -25.50
C LEU A 422 13.97 6.46 -24.50
N VAL A 423 13.10 5.67 -23.87
CA VAL A 423 13.49 4.69 -22.87
C VAL A 423 13.86 3.40 -23.59
N LYS A 424 14.97 2.80 -23.15
CA LYS A 424 15.43 1.55 -23.74
C LYS A 424 16.38 0.82 -22.84
N LEU A 425 16.60 -0.47 -23.16
CA LEU A 425 17.57 -1.31 -22.46
C LEU A 425 18.88 -1.25 -23.22
N TRP A 426 19.94 -0.91 -22.51
CA TRP A 426 21.26 -0.69 -23.09
C TRP A 426 22.08 -1.92 -23.45
N TYR A 427 21.74 -3.08 -22.87
CA TYR A 427 22.45 -4.33 -23.12
C TYR A 427 21.52 -5.46 -22.74
N GLN A 428 21.87 -6.71 -23.11
CA GLN A 428 21.08 -7.90 -22.81
C GLN A 428 21.95 -9.13 -22.67
N LEU A 429 21.74 -9.88 -21.61
CA LEU A 429 22.49 -11.10 -21.37
C LEU A 429 22.01 -12.20 -22.29
N GLU A 430 22.93 -13.06 -22.71
CA GLU A 430 22.62 -14.20 -23.57
C GLU A 430 21.78 -15.21 -22.82
N LYS A 431 21.01 -16.01 -23.53
CA LYS A 431 20.16 -17.01 -22.89
C LYS A 431 20.85 -18.36 -22.72
N GLU A 432 21.90 -18.60 -23.51
CA GLU A 432 22.64 -19.85 -23.49
C GLU A 432 24.14 -19.58 -23.73
N PRO A 433 25.01 -20.47 -23.20
CA PRO A 433 26.46 -20.29 -23.34
C PRO A 433 26.92 -20.02 -24.77
N ILE A 434 27.84 -19.07 -24.91
CA ILE A 434 28.40 -18.68 -26.19
C ILE A 434 29.50 -19.68 -26.61
N VAL A 435 29.32 -20.32 -27.76
CA VAL A 435 30.33 -21.24 -28.27
C VAL A 435 31.48 -20.45 -28.86
N GLY A 436 32.70 -20.86 -28.54
CA GLY A 436 33.89 -20.19 -29.05
C GLY A 436 34.19 -18.87 -28.37
N ALA A 437 33.74 -18.74 -27.13
CA ALA A 437 34.00 -17.55 -26.32
C ALA A 437 34.69 -18.04 -25.07
N GLU A 438 35.73 -17.30 -24.65
CA GLU A 438 36.49 -17.70 -23.47
C GLU A 438 35.58 -17.74 -22.26
N THR A 439 35.77 -18.74 -21.41
CA THR A 439 35.00 -18.90 -20.19
C THR A 439 35.83 -18.46 -18.99
N PHE A 440 35.37 -17.42 -18.28
CA PHE A 440 36.06 -16.95 -17.09
C PHE A 440 35.35 -17.48 -15.88
N TYR A 441 36.09 -18.15 -15.01
CA TYR A 441 35.52 -18.60 -13.75
C TYR A 441 36.05 -17.58 -12.78
N VAL A 442 35.17 -16.73 -12.28
CA VAL A 442 35.57 -15.68 -11.38
C VAL A 442 35.24 -16.02 -9.93
N ASP A 443 35.82 -15.26 -9.00
CA ASP A 443 35.55 -15.41 -7.59
C ASP A 443 36.25 -14.32 -6.82
N GLY A 444 35.76 -14.08 -5.63
CA GLY A 444 36.30 -13.07 -4.75
C GLY A 444 36.09 -13.49 -3.31
N ALA A 445 37.00 -13.09 -2.45
CA ALA A 445 36.93 -13.40 -1.03
C ALA A 445 37.38 -12.18 -0.27
N ALA A 446 36.95 -12.06 0.98
CA ALA A 446 37.31 -10.94 1.82
C ALA A 446 37.35 -11.36 3.27
N ASN A 447 38.42 -11.00 3.97
CA ASN A 447 38.59 -11.33 5.38
C ASN A 447 37.71 -10.40 6.21
N ARG A 448 36.85 -10.98 7.05
CA ARG A 448 35.92 -10.22 7.89
C ARG A 448 36.59 -9.26 8.87
N GLU A 449 37.73 -9.67 9.45
CA GLU A 449 38.45 -8.87 10.44
C GLU A 449 39.27 -7.74 9.80
N THR A 450 40.15 -8.09 8.86
CA THR A 450 41.06 -7.17 8.22
C THR A 450 40.45 -6.34 7.10
N LYS A 451 39.26 -6.76 6.59
CA LYS A 451 38.58 -6.07 5.49
C LYS A 451 39.43 -6.11 4.21
N LEU A 452 40.48 -6.92 4.21
CA LEU A 452 41.36 -7.06 3.07
C LEU A 452 40.69 -8.10 2.20
N GLY A 453 40.86 -8.01 0.88
CA GLY A 453 40.24 -8.95 -0.02
C GLY A 453 40.97 -9.19 -1.32
N LYS A 454 40.64 -10.29 -1.98
CA LYS A 454 41.23 -10.65 -3.27
C LYS A 454 40.14 -10.95 -4.29
N ALA A 455 40.39 -10.57 -5.55
CA ALA A 455 39.46 -10.81 -6.64
C ALA A 455 40.25 -11.34 -7.84
N GLY A 456 39.67 -12.25 -8.57
CA GLY A 456 40.36 -12.80 -9.73
C GLY A 456 39.55 -13.77 -10.56
N TYR A 457 40.24 -14.43 -11.48
CA TYR A 457 39.63 -15.41 -12.36
C TYR A 457 40.66 -16.40 -12.86
N VAL A 458 40.19 -17.36 -13.63
CA VAL A 458 40.93 -18.41 -14.30
C VAL A 458 40.05 -18.80 -15.48
N THR A 459 40.62 -18.94 -16.68
CA THR A 459 39.82 -19.29 -17.84
C THR A 459 40.01 -20.72 -18.35
N ASN A 460 39.33 -21.04 -19.44
CA ASN A 460 39.41 -22.35 -20.08
C ASN A 460 40.56 -22.31 -21.09
N ARG A 461 40.99 -21.10 -21.43
CA ARG A 461 42.09 -20.83 -22.35
C ARG A 461 43.37 -20.72 -21.52
N GLY A 462 43.27 -21.15 -20.25
CA GLY A 462 44.37 -21.18 -19.29
C GLY A 462 44.85 -19.87 -18.70
N ARG A 463 44.15 -18.75 -18.94
CA ARG A 463 44.56 -17.47 -18.37
C ARG A 463 44.29 -17.41 -16.85
N GLN A 464 44.86 -16.41 -16.17
CA GLN A 464 44.73 -16.24 -14.73
C GLN A 464 45.15 -14.84 -14.30
N LYS A 465 44.58 -14.35 -13.19
CA LYS A 465 44.86 -13.03 -12.65
C LYS A 465 44.20 -12.91 -11.30
N VAL A 466 44.88 -12.24 -10.35
CA VAL A 466 44.35 -12.06 -9.00
C VAL A 466 44.73 -10.67 -8.46
N VAL A 467 43.73 -9.85 -8.20
CA VAL A 467 43.93 -8.52 -7.66
C VAL A 467 43.68 -8.49 -6.16
N THR A 468 44.42 -7.63 -5.45
CA THR A 468 44.26 -7.44 -4.02
C THR A 468 43.46 -6.18 -3.79
N LEU A 469 42.48 -6.26 -2.91
CA LEU A 469 41.64 -5.13 -2.59
C LEU A 469 41.73 -4.81 -1.12
N THR A 470 41.63 -3.52 -0.78
CA THR A 470 41.70 -3.03 0.59
C THR A 470 40.33 -2.50 0.96
N ASP A 471 39.97 -2.56 2.27
CA ASP A 471 38.68 -2.06 2.76
C ASP A 471 37.53 -2.52 1.86
N THR A 472 37.37 -3.84 1.75
CA THR A 472 36.35 -4.43 0.90
C THR A 472 35.43 -5.35 1.68
N THR A 473 34.38 -5.83 1.00
CA THR A 473 33.43 -6.78 1.56
C THR A 473 33.37 -7.93 0.59
N ASN A 474 32.69 -9.02 0.97
CA ASN A 474 32.55 -10.18 0.09
C ASN A 474 31.83 -9.75 -1.19
N GLN A 475 30.78 -8.94 -1.03
CA GLN A 475 29.97 -8.44 -2.13
C GLN A 475 30.83 -7.70 -3.14
N LYS A 476 31.60 -6.74 -2.66
CA LYS A 476 32.46 -5.94 -3.51
C LYS A 476 33.48 -6.77 -4.27
N THR A 477 34.06 -7.80 -3.64
CA THR A 477 35.05 -8.64 -4.34
C THR A 477 34.41 -9.43 -5.48
N GLU A 478 33.18 -9.92 -5.27
CA GLU A 478 32.46 -10.69 -6.26
C GLU A 478 32.19 -9.81 -7.48
N LEU A 479 31.83 -8.56 -7.23
CA LEU A 479 31.60 -7.62 -8.32
C LEU A 479 32.92 -7.19 -8.94
N GLN A 480 34.00 -7.15 -8.15
CA GLN A 480 35.30 -6.78 -8.66
C GLN A 480 35.80 -7.85 -9.62
N ALA A 481 35.61 -9.12 -9.22
CA ALA A 481 36.00 -10.27 -10.00
C ALA A 481 35.32 -10.29 -11.37
N ILE A 482 34.02 -9.97 -11.42
CA ILE A 482 33.26 -9.93 -12.68
C ILE A 482 33.75 -8.79 -13.53
N TYR A 483 34.04 -7.67 -12.88
CA TYR A 483 34.56 -6.50 -13.56
C TYR A 483 35.89 -6.84 -14.23
N LEU A 484 36.74 -7.61 -13.53
CA LEU A 484 38.04 -8.03 -14.04
C LEU A 484 37.87 -8.86 -15.30
N ALA A 485 36.98 -9.87 -15.22
CA ALA A 485 36.71 -10.76 -16.33
C ALA A 485 36.17 -10.00 -17.54
N LEU A 486 35.41 -8.91 -17.33
CA LEU A 486 34.88 -8.11 -18.40
C LEU A 486 35.97 -7.24 -19.03
N GLN A 487 36.93 -6.78 -18.21
CA GLN A 487 38.03 -5.95 -18.71
C GLN A 487 39.00 -6.72 -19.62
N ASP A 488 39.37 -7.94 -19.21
CA ASP A 488 40.34 -8.79 -19.93
C ASP A 488 39.71 -9.78 -20.89
N SER A 489 38.44 -9.58 -21.28
CA SER A 489 37.75 -10.55 -22.13
C SER A 489 37.54 -10.22 -23.61
N GLY A 490 36.99 -9.05 -23.91
CA GLY A 490 36.66 -8.70 -25.28
C GLY A 490 35.28 -9.18 -25.70
N LEU A 491 34.74 -8.55 -26.74
CA LEU A 491 33.42 -8.76 -27.35
C LEU A 491 32.51 -9.92 -26.92
N GLU A 492 33.03 -11.16 -26.83
CA GLU A 492 32.25 -12.32 -26.43
C GLU A 492 32.82 -12.99 -25.20
N VAL A 493 31.98 -13.23 -24.16
CA VAL A 493 32.46 -13.83 -22.91
C VAL A 493 31.43 -14.67 -22.22
N ASN A 494 31.88 -15.73 -21.60
CA ASN A 494 31.03 -16.55 -20.75
C ASN A 494 31.66 -16.35 -19.39
N ILE A 495 30.85 -16.01 -18.38
CA ILE A 495 31.35 -15.75 -17.03
C ILE A 495 30.60 -16.60 -16.05
N VAL A 496 31.32 -17.30 -15.20
CA VAL A 496 30.70 -18.14 -14.19
C VAL A 496 31.12 -17.66 -12.80
N THR A 497 30.13 -17.21 -12.03
CA THR A 497 30.32 -16.73 -10.66
C THR A 497 29.60 -17.66 -9.70
N ASP A 498 29.89 -17.48 -8.41
CA ASP A 498 29.27 -18.22 -7.31
C ASP A 498 28.38 -17.28 -6.50
N SER A 499 28.38 -15.98 -6.88
CA SER A 499 27.62 -14.94 -6.23
C SER A 499 26.20 -14.72 -6.77
N GLN A 500 25.20 -15.17 -6.00
CA GLN A 500 23.79 -14.92 -6.33
C GLN A 500 23.59 -13.40 -6.35
N TYR A 501 24.28 -12.71 -5.45
CA TYR A 501 24.25 -11.27 -5.29
C TYR A 501 24.49 -10.54 -6.58
N ALA A 502 25.63 -10.81 -7.22
CA ALA A 502 26.00 -10.16 -8.47
C ALA A 502 25.14 -10.61 -9.61
N LEU A 503 24.78 -11.90 -9.64
CA LEU A 503 23.94 -12.42 -10.70
C LEU A 503 22.63 -11.67 -10.67
N GLY A 504 22.09 -11.50 -9.46
CA GLY A 504 20.85 -10.77 -9.24
C GLY A 504 20.86 -9.38 -9.83
N ILE A 505 21.88 -8.59 -9.49
CA ILE A 505 22.02 -7.23 -9.99
C ILE A 505 22.10 -7.14 -11.48
N ILE A 506 23.04 -7.88 -12.08
CA ILE A 506 23.26 -7.85 -13.52
C ILE A 506 22.08 -8.37 -14.30
N GLN A 507 21.41 -9.42 -13.80
CA GLN A 507 20.27 -9.96 -14.51
C GLN A 507 19.17 -8.91 -14.74
N ALA A 508 19.02 -7.94 -13.80
CA ALA A 508 17.98 -6.90 -13.88
C ALA A 508 18.28 -5.81 -14.89
N GLN A 509 19.33 -5.99 -15.69
CA GLN A 509 19.74 -5.06 -16.72
C GLN A 509 19.84 -3.61 -16.24
N PRO A 510 20.43 -3.36 -15.05
CA PRO A 510 20.57 -1.99 -14.57
C PRO A 510 21.36 -1.08 -15.50
N ASP A 511 21.06 0.22 -15.46
CA ASP A 511 21.80 1.20 -16.24
C ASP A 511 22.25 2.36 -15.37
N GLN A 512 21.99 2.24 -14.07
CA GLN A 512 22.29 3.28 -13.07
C GLN A 512 22.50 2.61 -11.73
N SER A 513 23.48 3.09 -10.97
CA SER A 513 23.76 2.56 -9.65
C SER A 513 24.40 3.61 -8.75
N GLU A 514 24.28 3.39 -7.44
CA GLU A 514 24.90 4.26 -6.44
C GLU A 514 26.36 3.79 -6.26
N SER A 515 26.64 2.55 -6.73
CA SER A 515 27.94 1.91 -6.67
C SER A 515 28.77 2.25 -7.90
N GLU A 516 29.91 2.94 -7.69
CA GLU A 516 30.84 3.31 -8.76
C GLU A 516 31.21 2.04 -9.54
N LEU A 517 31.41 0.94 -8.81
CA LEU A 517 31.76 -0.35 -9.35
C LEU A 517 30.70 -0.85 -10.33
N VAL A 518 29.45 -0.98 -9.86
CA VAL A 518 28.36 -1.46 -10.70
C VAL A 518 28.29 -0.66 -11.99
N ASN A 519 28.63 0.65 -11.89
CA ASN A 519 28.64 1.50 -13.08
C ASN A 519 29.76 1.09 -14.03
N GLN A 520 30.92 0.68 -13.49
CA GLN A 520 32.04 0.20 -14.28
C GLN A 520 31.55 -0.99 -15.07
N ILE A 521 30.96 -1.96 -14.35
CA ILE A 521 30.41 -3.18 -14.93
C ILE A 521 29.38 -2.87 -16.01
N ILE A 522 28.48 -1.91 -15.77
CA ILE A 522 27.46 -1.55 -16.75
C ILE A 522 28.12 -0.99 -17.99
N GLU A 523 29.02 -0.02 -17.78
CA GLU A 523 29.77 0.62 -18.85
C GLU A 523 30.46 -0.44 -19.71
N GLN A 524 31.01 -1.46 -19.06
CA GLN A 524 31.71 -2.56 -19.69
C GLN A 524 30.75 -3.49 -20.41
N LEU A 525 29.57 -3.75 -19.82
CA LEU A 525 28.55 -4.64 -20.42
C LEU A 525 27.97 -4.06 -21.70
N ILE A 526 27.90 -2.74 -21.77
CA ILE A 526 27.39 -2.05 -22.95
C ILE A 526 28.32 -2.24 -24.13
N LYS A 527 29.65 -2.25 -23.88
CA LYS A 527 30.69 -2.40 -24.90
C LYS A 527 30.67 -3.76 -25.54
N LYS A 528 30.43 -4.82 -24.74
CA LYS A 528 30.39 -6.18 -25.26
C LYS A 528 29.38 -6.34 -26.38
N GLU A 529 29.46 -7.48 -27.04
CA GLU A 529 28.59 -7.83 -28.13
C GLU A 529 27.72 -8.99 -27.66
N LYS A 530 28.31 -9.85 -26.83
CA LYS A 530 27.65 -11.01 -26.26
C LYS A 530 28.21 -11.31 -24.88
N VAL A 531 27.33 -11.54 -23.88
CA VAL A 531 27.73 -11.86 -22.51
C VAL A 531 26.80 -12.91 -21.93
N TYR A 532 27.34 -14.05 -21.51
CA TYR A 532 26.56 -15.07 -20.84
C TYR A 532 27.06 -15.17 -19.40
N LEU A 533 26.13 -15.14 -18.43
CA LEU A 533 26.49 -15.20 -17.02
C LEU A 533 25.78 -16.36 -16.35
N ALA A 534 26.55 -17.24 -15.72
CA ALA A 534 26.04 -18.42 -15.05
C ALA A 534 26.47 -18.47 -13.60
N TRP A 535 25.74 -19.25 -12.82
CA TRP A 535 25.97 -19.41 -11.39
C TRP A 535 26.20 -20.86 -10.98
N VAL A 536 27.02 -21.05 -9.97
CA VAL A 536 27.30 -22.35 -9.41
C VAL A 536 27.36 -22.20 -7.91
N PRO A 537 27.03 -23.25 -7.15
CA PRO A 537 27.20 -23.16 -5.69
C PRO A 537 28.68 -23.15 -5.31
N ALA A 538 29.07 -22.31 -4.34
CA ALA A 538 30.46 -22.23 -3.92
C ALA A 538 30.81 -23.39 -3.00
N HIS A 539 32.13 -23.63 -2.80
CA HIS A 539 32.65 -24.68 -1.92
C HIS A 539 32.25 -26.08 -2.38
N LYS A 540 32.28 -26.32 -3.69
CA LYS A 540 31.92 -27.63 -4.24
C LYS A 540 33.02 -28.12 -5.18
N GLY A 541 33.05 -29.43 -5.42
CA GLY A 541 34.02 -30.02 -6.33
C GLY A 541 33.72 -29.62 -7.76
N ILE A 542 33.45 -28.32 -7.98
CA ILE A 542 33.11 -27.79 -9.29
C ILE A 542 34.31 -27.16 -9.94
N GLY A 543 34.83 -27.81 -10.97
CA GLY A 543 35.96 -27.33 -11.73
C GLY A 543 35.79 -25.86 -12.06
N GLY A 544 36.85 -25.11 -11.88
CA GLY A 544 36.84 -23.68 -12.13
C GLY A 544 36.65 -22.93 -10.84
N ASN A 545 35.40 -22.87 -10.33
CA ASN A 545 35.08 -22.20 -9.07
C ASN A 545 35.99 -22.68 -7.94
N GLU A 546 36.21 -24.00 -7.88
CA GLU A 546 37.05 -24.64 -6.88
C GLU A 546 38.47 -24.09 -6.90
N GLN A 547 38.94 -23.66 -8.06
CA GLN A 547 40.29 -23.17 -8.25
C GLN A 547 40.49 -21.69 -7.99
N VAL A 548 39.59 -20.83 -8.50
CA VAL A 548 39.69 -19.38 -8.28
C VAL A 548 39.56 -19.11 -6.81
N ASP A 549 38.83 -19.99 -6.10
CA ASP A 549 38.60 -19.90 -4.67
C ASP A 549 39.92 -20.09 -3.95
N LYS A 550 40.93 -20.64 -4.63
CA LYS A 550 42.24 -20.86 -4.03
C LYS A 550 43.11 -19.63 -4.03
N LEU A 551 43.43 -19.09 -5.21
CA LEU A 551 44.28 -17.91 -5.33
C LEU A 551 43.67 -16.67 -4.70
N VAL A 552 42.34 -16.57 -4.74
CA VAL A 552 41.61 -15.44 -4.18
C VAL A 552 41.53 -15.56 -2.64
N SER A 553 41.52 -16.80 -2.15
CA SER A 553 41.43 -17.08 -0.72
C SER A 553 42.79 -17.06 -0.02
N ALA A 554 43.87 -17.39 -0.76
CA ALA A 554 45.23 -17.43 -0.23
C ALA A 554 45.68 -16.06 0.24
N GLY A 555 46.13 -15.98 1.48
CA GLY A 555 46.58 -14.74 2.11
C GLY A 555 45.46 -13.94 2.72
N ILE A 556 44.21 -14.40 2.53
CA ILE A 556 43.01 -13.72 3.03
C ILE A 556 42.08 -14.71 3.73
N ARG A 557 42.66 -15.73 4.36
CA ARG A 557 41.94 -16.77 5.11
C ARG A 557 40.70 -17.28 4.36
N LYS A 558 40.89 -18.04 3.39
N SER B 3 -34.18 -8.72 13.64
CA SER B 3 -34.85 -9.66 14.54
C SER B 3 -33.87 -10.12 15.63
N PRO B 4 -33.41 -9.20 16.52
CA PRO B 4 -32.39 -9.55 17.54
C PRO B 4 -32.61 -10.78 18.43
N ILE B 5 -31.48 -11.35 18.91
CA ILE B 5 -31.42 -12.52 19.79
C ILE B 5 -30.45 -12.15 20.90
N GLU B 6 -30.09 -13.12 21.76
CA GLU B 6 -29.11 -12.91 22.81
C GLU B 6 -27.74 -12.84 22.15
N THR B 7 -27.14 -11.63 22.09
CA THR B 7 -25.84 -11.44 21.46
C THR B 7 -24.70 -12.08 22.24
N VAL B 8 -23.72 -12.63 21.51
CA VAL B 8 -22.55 -13.25 22.10
C VAL B 8 -21.55 -12.16 22.44
N PRO B 9 -21.29 -11.90 23.74
CA PRO B 9 -20.31 -10.88 24.10
C PRO B 9 -18.93 -11.19 23.53
N VAL B 10 -18.42 -10.27 22.72
CA VAL B 10 -17.11 -10.42 22.08
C VAL B 10 -16.07 -9.65 22.87
N LYS B 11 -14.82 -10.09 22.82
CA LYS B 11 -13.74 -9.43 23.53
C LYS B 11 -12.43 -9.42 22.76
N LEU B 12 -11.78 -8.25 22.70
CA LEU B 12 -10.49 -8.09 22.06
C LEU B 12 -9.45 -8.73 22.97
N LYS B 13 -8.30 -9.10 22.40
CA LYS B 13 -7.20 -9.67 23.16
C LYS B 13 -6.79 -8.66 24.23
N PRO B 14 -6.45 -9.11 25.46
CA PRO B 14 -6.03 -8.17 26.50
C PRO B 14 -4.86 -7.31 26.03
N GLY B 15 -5.02 -6.00 26.22
CA GLY B 15 -4.03 -5.01 25.79
C GLY B 15 -4.29 -4.51 24.39
N MET B 16 -4.66 -5.43 23.47
CA MET B 16 -4.96 -5.12 22.07
C MET B 16 -6.10 -4.13 21.97
N ASP B 17 -5.98 -3.20 21.01
CA ASP B 17 -7.00 -2.19 20.78
C ASP B 17 -7.52 -2.32 19.36
N GLY B 18 -8.68 -1.73 19.11
CA GLY B 18 -9.32 -1.78 17.80
C GLY B 18 -8.45 -1.36 16.63
N PRO B 19 -8.86 -1.79 15.41
CA PRO B 19 -8.09 -1.46 14.20
C PRO B 19 -8.19 0.01 13.79
N LYS B 20 -7.11 0.58 13.27
CA LYS B 20 -7.09 1.98 12.83
C LYS B 20 -6.38 2.03 11.49
N VAL B 21 -6.93 1.31 10.52
CA VAL B 21 -6.35 1.13 9.21
C VAL B 21 -6.92 2.16 8.25
N LYS B 22 -6.05 2.88 7.54
CA LYS B 22 -6.46 3.90 6.58
C LYS B 22 -7.23 3.32 5.39
N GLN B 23 -8.14 4.12 4.83
CA GLN B 23 -8.91 3.74 3.64
C GLN B 23 -8.10 4.17 2.42
N TRP B 24 -7.89 3.25 1.47
CA TRP B 24 -7.15 3.54 0.25
C TRP B 24 -8.09 4.18 -0.74
N PRO B 25 -7.58 5.09 -1.61
CA PRO B 25 -8.48 5.74 -2.56
C PRO B 25 -9.13 4.73 -3.49
N LEU B 26 -10.38 5.01 -3.84
CA LEU B 26 -11.19 4.16 -4.69
C LEU B 26 -11.63 4.98 -5.88
N THR B 27 -11.98 4.29 -6.96
CA THR B 27 -12.47 4.95 -8.17
C THR B 27 -13.90 5.41 -7.93
N GLU B 28 -14.33 6.44 -8.67
CA GLU B 28 -15.68 6.96 -8.59
C GLU B 28 -16.68 5.81 -8.77
N GLU B 29 -16.40 4.95 -9.73
CA GLU B 29 -17.23 3.79 -10.05
C GLU B 29 -17.50 2.97 -8.79
N LYS B 30 -16.44 2.61 -8.06
CA LYS B 30 -16.55 1.82 -6.85
C LYS B 30 -17.18 2.60 -5.69
N ILE B 31 -16.90 3.90 -5.59
CA ILE B 31 -17.48 4.72 -4.54
C ILE B 31 -18.99 4.73 -4.74
N LYS B 32 -19.45 5.07 -5.95
CA LYS B 32 -20.86 5.08 -6.32
C LYS B 32 -21.51 3.78 -5.91
N ALA B 33 -20.90 2.65 -6.29
CA ALA B 33 -21.42 1.33 -5.95
C ALA B 33 -21.54 1.11 -4.44
N LEU B 34 -20.53 1.52 -3.66
CA LEU B 34 -20.57 1.34 -2.21
C LEU B 34 -21.64 2.17 -1.52
N VAL B 35 -21.85 3.41 -2.01
CA VAL B 35 -22.86 4.32 -1.48
C VAL B 35 -24.21 3.69 -1.67
N GLU B 36 -24.48 3.23 -2.90
CA GLU B 36 -25.73 2.58 -3.24
C GLU B 36 -25.94 1.38 -2.33
N ILE B 37 -24.92 0.53 -2.18
CA ILE B 37 -25.03 -0.65 -1.33
C ILE B 37 -25.24 -0.34 0.14
N CYS B 38 -24.47 0.62 0.67
CA CYS B 38 -24.51 0.99 2.08
C CYS B 38 -25.78 1.71 2.50
N THR B 39 -26.29 2.61 1.65
CA THR B 39 -27.53 3.32 1.98
C THR B 39 -28.70 2.34 2.00
N GLU B 40 -28.51 1.19 1.38
CA GLU B 40 -29.52 0.13 1.35
C GLU B 40 -29.38 -0.74 2.58
N MET B 41 -28.15 -0.96 3.05
CA MET B 41 -27.90 -1.76 4.25
C MET B 41 -28.35 -0.99 5.49
N GLU B 42 -28.28 0.35 5.42
CA GLU B 42 -28.68 1.24 6.50
C GLU B 42 -30.20 1.14 6.66
N LYS B 43 -30.94 1.22 5.55
CA LYS B 43 -32.39 1.09 5.58
C LYS B 43 -32.79 -0.25 6.21
N GLU B 44 -32.02 -1.31 5.93
CA GLU B 44 -32.27 -2.63 6.48
C GLU B 44 -31.74 -2.79 7.92
N GLY B 45 -31.18 -1.73 8.49
CA GLY B 45 -30.65 -1.74 9.85
C GLY B 45 -29.38 -2.55 10.09
N LYS B 46 -28.75 -3.06 9.01
CA LYS B 46 -27.52 -3.85 9.12
C LYS B 46 -26.32 -3.03 9.59
N ILE B 47 -26.30 -1.74 9.20
CA ILE B 47 -25.25 -0.80 9.56
C ILE B 47 -25.87 0.54 9.88
N SER B 48 -25.16 1.38 10.62
CA SER B 48 -25.68 2.72 10.90
C SER B 48 -24.56 3.71 10.96
N LYS B 49 -24.84 4.97 10.62
CA LYS B 49 -23.83 6.04 10.64
C LYS B 49 -23.22 6.19 12.01
N ILE B 50 -21.98 6.66 12.04
CA ILE B 50 -21.26 6.85 13.30
C ILE B 50 -20.65 8.21 13.34
N GLY B 51 -20.31 8.62 14.55
CA GLY B 51 -19.68 9.90 14.78
C GLY B 51 -18.17 9.80 14.85
N PRO B 52 -17.55 10.97 14.99
CA PRO B 52 -16.08 11.06 15.06
C PRO B 52 -15.52 10.50 16.35
N GLU B 53 -16.39 10.20 17.31
CA GLU B 53 -15.97 9.63 18.58
C GLU B 53 -15.58 8.18 18.39
N ASN B 54 -15.77 7.66 17.17
CA ASN B 54 -15.36 6.31 16.81
C ASN B 54 -14.02 6.50 16.09
N PRO B 55 -12.91 6.18 16.79
CA PRO B 55 -11.58 6.36 16.19
C PRO B 55 -11.09 5.13 15.41
N TYR B 56 -11.97 4.16 15.19
CA TYR B 56 -11.60 2.94 14.50
C TYR B 56 -11.90 2.97 13.01
N ASN B 57 -11.13 2.20 12.24
CA ASN B 57 -11.36 2.09 10.80
C ASN B 57 -10.80 0.84 10.21
N THR B 58 -11.57 0.28 9.29
CA THR B 58 -11.25 -0.90 8.51
C THR B 58 -11.47 -0.54 7.04
N PRO B 59 -10.52 -0.90 6.16
CA PRO B 59 -10.66 -0.60 4.73
C PRO B 59 -11.83 -1.32 4.06
N VAL B 60 -12.41 -0.69 3.03
CA VAL B 60 -13.53 -1.23 2.27
C VAL B 60 -13.28 -1.12 0.78
N PHE B 61 -13.73 -2.13 0.03
CA PHE B 61 -13.58 -2.12 -1.43
C PHE B 61 -14.82 -2.63 -2.05
N ALA B 62 -14.84 -2.66 -3.39
CA ALA B 62 -15.94 -3.18 -4.18
C ALA B 62 -15.39 -4.15 -5.19
N ILE B 63 -15.89 -5.38 -5.18
CA ILE B 63 -15.47 -6.42 -6.12
C ILE B 63 -16.64 -6.93 -6.91
N LYS B 64 -16.40 -7.97 -7.72
CA LYS B 64 -17.40 -8.67 -8.52
C LYS B 64 -16.94 -10.12 -8.61
N LYS B 65 -17.74 -11.07 -8.10
CA LYS B 65 -17.37 -12.49 -8.18
C LYS B 65 -17.54 -12.99 -9.60
N LYS B 66 -17.01 -14.19 -9.88
CA LYS B 66 -17.14 -14.80 -11.21
C LYS B 66 -18.59 -15.14 -11.39
N ASP B 67 -19.09 -15.08 -12.64
CA ASP B 67 -20.48 -15.34 -12.95
C ASP B 67 -21.34 -14.38 -12.11
N SER B 68 -20.88 -13.12 -12.03
CA SER B 68 -21.50 -12.05 -11.26
C SER B 68 -21.10 -10.72 -11.89
N THR B 69 -22.09 -9.86 -12.15
CA THR B 69 -21.89 -8.54 -12.76
C THR B 69 -22.51 -7.49 -11.85
N LYS B 70 -22.68 -7.84 -10.58
CA LYS B 70 -23.27 -6.95 -9.58
C LYS B 70 -22.25 -6.67 -8.50
N TRP B 71 -21.87 -5.40 -8.36
CA TRP B 71 -20.91 -4.96 -7.35
C TRP B 71 -21.21 -5.52 -5.99
N ARG B 72 -20.16 -5.97 -5.30
CA ARG B 72 -20.26 -6.53 -3.97
C ARG B 72 -19.31 -5.77 -3.07
N LYS B 73 -19.68 -5.61 -1.80
CA LYS B 73 -18.88 -4.92 -0.82
C LYS B 73 -17.93 -5.90 -0.19
N LEU B 74 -16.66 -5.53 -0.11
CA LEU B 74 -15.64 -6.38 0.50
C LEU B 74 -14.94 -5.58 1.56
N VAL B 75 -15.10 -5.97 2.81
CA VAL B 75 -14.44 -5.27 3.90
C VAL B 75 -13.20 -6.05 4.29
N ASP B 76 -12.08 -5.35 4.41
CA ASP B 76 -10.81 -5.97 4.76
C ASP B 76 -10.61 -5.98 6.27
N PHE B 77 -11.13 -7.01 6.93
CA PHE B 77 -11.07 -7.21 8.39
C PHE B 77 -9.79 -7.89 8.88
N ARG B 78 -8.75 -7.96 8.05
CA ARG B 78 -7.51 -8.60 8.45
C ARG B 78 -6.95 -8.10 9.79
N GLU B 79 -7.00 -6.79 10.04
CA GLU B 79 -6.51 -6.28 11.31
C GLU B 79 -7.40 -6.71 12.46
N LEU B 80 -8.71 -6.51 12.32
CA LEU B 80 -9.66 -6.89 13.35
C LEU B 80 -9.58 -8.38 13.61
N ASN B 81 -9.41 -9.18 12.55
CA ASN B 81 -9.29 -10.64 12.72
C ASN B 81 -8.10 -10.99 13.58
N LYS B 82 -6.94 -10.35 13.34
CA LYS B 82 -5.75 -10.62 14.14
C LYS B 82 -5.89 -10.21 15.61
N ARG B 83 -6.73 -9.23 15.89
CA ARG B 83 -6.95 -8.73 17.25
C ARG B 83 -8.09 -9.45 17.94
N THR B 84 -8.73 -10.38 17.21
CA THR B 84 -9.86 -11.19 17.67
C THR B 84 -9.36 -12.66 17.76
N GLN B 85 -10.02 -13.49 18.57
CA GLN B 85 -9.82 -14.93 18.83
C GLN B 85 -9.88 -15.30 20.33
N ASP B 86 -11.09 -15.42 20.93
CA ASP B 86 -12.48 -15.38 20.42
C ASP B 86 -12.85 -16.31 19.23
N PHE B 87 -12.48 -15.92 17.99
CA PHE B 87 -12.74 -16.70 16.78
C PHE B 87 -12.17 -18.12 16.79
N GLN B 91 -10.90 -18.48 21.04
CA GLN B 91 -11.74 -19.14 22.03
C GLN B 91 -12.35 -20.37 21.38
N LEU B 92 -13.56 -20.22 20.82
CA LEU B 92 -14.34 -21.29 20.22
C LEU B 92 -14.37 -21.27 18.70
N GLY B 93 -13.26 -21.77 18.17
CA GLY B 93 -13.00 -21.92 16.75
C GLY B 93 -13.77 -23.06 16.12
N ILE B 94 -13.55 -23.20 14.80
CA ILE B 94 -14.18 -24.23 13.99
C ILE B 94 -13.14 -25.27 13.59
N PRO B 95 -13.37 -26.53 14.01
CA PRO B 95 -12.43 -27.62 13.68
C PRO B 95 -12.41 -27.98 12.18
N HIS B 96 -11.19 -28.16 11.67
CA HIS B 96 -10.95 -28.48 10.26
C HIS B 96 -10.91 -29.99 10.00
N PRO B 97 -11.84 -30.49 9.15
CA PRO B 97 -11.85 -31.91 8.83
C PRO B 97 -10.74 -32.29 7.86
N ALA B 98 -10.03 -33.37 8.18
CA ALA B 98 -8.94 -33.87 7.37
C ALA B 98 -9.43 -34.67 6.16
N GLY B 99 -10.73 -35.02 6.14
CA GLY B 99 -11.33 -35.77 5.05
C GLY B 99 -11.59 -34.94 3.81
N LEU B 100 -11.75 -33.61 4.00
CA LEU B 100 -12.04 -32.68 2.92
C LEU B 100 -11.06 -32.78 1.74
N LYS B 101 -9.75 -32.77 2.05
CA LYS B 101 -8.71 -32.84 1.03
C LYS B 101 -8.73 -34.16 0.27
N LYS B 102 -9.44 -35.17 0.79
CA LYS B 102 -9.48 -36.49 0.16
C LYS B 102 -10.67 -36.74 -0.76
N LYS B 103 -11.69 -35.86 -0.71
CA LYS B 103 -12.89 -36.01 -1.53
C LYS B 103 -12.66 -35.91 -3.02
N LYS B 104 -13.43 -36.65 -3.82
CA LYS B 104 -13.30 -36.60 -5.27
C LYS B 104 -13.63 -35.22 -5.75
N SER B 105 -14.60 -34.57 -5.08
CA SER B 105 -15.02 -33.22 -5.45
C SER B 105 -15.47 -32.39 -4.27
N VAL B 106 -15.13 -31.10 -4.31
CA VAL B 106 -15.47 -30.13 -3.27
C VAL B 106 -16.09 -28.92 -3.94
N THR B 107 -17.25 -28.49 -3.43
CA THR B 107 -17.94 -27.33 -3.97
C THR B 107 -17.91 -26.23 -2.92
N VAL B 108 -17.63 -25.01 -3.36
CA VAL B 108 -17.58 -23.84 -2.48
C VAL B 108 -18.89 -23.06 -2.56
N LEU B 109 -19.53 -22.82 -1.43
CA LEU B 109 -20.81 -22.09 -1.37
C LEU B 109 -20.72 -20.87 -0.45
N ASP B 110 -21.09 -19.69 -0.97
CA ASP B 110 -21.09 -18.46 -0.19
C ASP B 110 -22.30 -18.47 0.75
N VAL B 111 -22.07 -18.42 2.04
CA VAL B 111 -23.16 -18.39 3.01
C VAL B 111 -23.12 -17.11 3.84
N GLY B 112 -22.38 -16.12 3.35
CA GLY B 112 -22.23 -14.84 4.03
C GLY B 112 -23.53 -14.11 4.34
N ASP B 113 -24.56 -14.28 3.48
CA ASP B 113 -25.85 -13.62 3.69
C ASP B 113 -26.54 -14.06 4.97
N ALA B 114 -26.11 -15.19 5.54
CA ALA B 114 -26.67 -15.70 6.77
C ALA B 114 -26.37 -14.79 7.96
N TYR B 115 -25.12 -14.34 8.04
CA TYR B 115 -24.63 -13.49 9.13
C TYR B 115 -25.46 -12.25 9.44
N PHE B 116 -26.17 -11.72 8.46
CA PHE B 116 -26.97 -10.50 8.67
C PHE B 116 -28.23 -10.67 9.52
N SER B 117 -28.50 -11.90 9.97
CA SER B 117 -29.64 -12.21 10.81
C SER B 117 -29.27 -12.01 12.26
N VAL B 118 -28.09 -12.51 12.65
CA VAL B 118 -27.61 -12.45 14.02
C VAL B 118 -27.09 -11.06 14.38
N PRO B 119 -27.68 -10.42 15.40
CA PRO B 119 -27.20 -9.09 15.83
C PRO B 119 -25.81 -9.18 16.47
N LEU B 120 -25.03 -8.11 16.33
CA LEU B 120 -23.67 -8.08 16.88
C LEU B 120 -23.65 -7.41 18.25
N ASP B 121 -22.87 -7.96 19.19
CA ASP B 121 -22.73 -7.39 20.53
C ASP B 121 -22.53 -5.88 20.50
N GLU B 122 -23.43 -5.14 21.17
CA GLU B 122 -23.43 -3.67 21.23
C GLU B 122 -22.06 -3.07 21.49
N ASP B 123 -21.34 -3.61 22.45
CA ASP B 123 -20.01 -3.11 22.83
C ASP B 123 -18.88 -3.49 21.88
N PHE B 124 -19.19 -4.26 20.84
CA PHE B 124 -18.19 -4.66 19.87
C PHE B 124 -18.35 -3.89 18.56
N ARG B 125 -19.57 -3.48 18.27
CA ARG B 125 -19.89 -2.73 17.05
C ARG B 125 -18.86 -1.69 16.65
N LYS B 126 -18.41 -0.90 17.63
CA LYS B 126 -17.45 0.18 17.39
C LYS B 126 -16.26 -0.26 16.54
N TYR B 127 -15.76 -1.47 16.80
CA TYR B 127 -14.58 -2.00 16.12
C TYR B 127 -14.76 -2.37 14.65
N THR B 128 -16.01 -2.40 14.17
CA THR B 128 -16.33 -2.76 12.77
C THR B 128 -16.50 -1.52 11.90
N ALA B 129 -16.07 -0.35 12.39
CA ALA B 129 -16.20 0.91 11.65
C ALA B 129 -15.44 0.93 10.33
N PHE B 130 -16.04 1.55 9.31
CA PHE B 130 -15.43 1.70 7.99
C PHE B 130 -15.84 3.01 7.34
N THR B 131 -15.13 3.41 6.29
CA THR B 131 -15.35 4.67 5.58
C THR B 131 -15.56 4.53 4.09
N ILE B 132 -16.51 5.28 3.56
CA ILE B 132 -16.72 5.36 2.11
C ILE B 132 -16.08 6.69 1.73
N PRO B 133 -14.93 6.69 1.08
CA PRO B 133 -14.26 7.96 0.75
C PRO B 133 -14.96 8.73 -0.38
N SER B 134 -14.52 9.97 -0.62
CA SER B 134 -15.05 10.82 -1.68
C SER B 134 -13.92 11.31 -2.55
N ILE B 135 -14.23 11.64 -3.79
CA ILE B 135 -13.23 12.10 -4.74
C ILE B 135 -12.71 13.47 -4.42
N ASN B 136 -11.39 13.63 -4.53
CA ASN B 136 -10.70 14.89 -4.28
C ASN B 136 -10.98 15.43 -2.88
N ASN B 137 -11.41 14.53 -1.97
CA ASN B 137 -11.64 14.88 -0.57
C ASN B 137 -12.49 16.12 -0.43
N GLU B 138 -13.52 16.21 -1.27
CA GLU B 138 -14.46 17.31 -1.26
C GLU B 138 -15.38 17.21 -0.05
N THR B 139 -15.88 16.00 0.17
CA THR B 139 -16.78 15.63 1.24
C THR B 139 -16.02 14.78 2.23
N PRO B 140 -16.33 14.86 3.52
CA PRO B 140 -15.68 13.94 4.46
C PRO B 140 -16.28 12.54 4.22
N GLY B 141 -15.50 11.52 4.49
CA GLY B 141 -15.99 10.17 4.28
C GLY B 141 -17.30 9.86 4.97
N ILE B 142 -18.07 8.92 4.41
CA ILE B 142 -19.30 8.43 5.00
C ILE B 142 -18.87 7.30 5.93
N ARG B 143 -19.16 7.45 7.22
CA ARG B 143 -18.76 6.49 8.24
C ARG B 143 -19.92 5.66 8.75
N TYR B 144 -19.71 4.35 8.88
CA TYR B 144 -20.73 3.42 9.38
C TYR B 144 -20.07 2.40 10.28
N GLN B 145 -20.89 1.59 10.95
CA GLN B 145 -20.43 0.46 11.77
C GLN B 145 -21.48 -0.65 11.62
N TYR B 146 -21.17 -1.86 12.05
CA TYR B 146 -22.11 -2.97 11.91
C TYR B 146 -23.02 -3.17 13.13
N ASN B 147 -24.26 -3.62 12.88
CA ASN B 147 -25.20 -3.93 13.95
C ASN B 147 -25.41 -5.43 13.96
N VAL B 148 -25.04 -6.06 12.84
CA VAL B 148 -25.18 -7.50 12.63
C VAL B 148 -23.81 -8.10 12.33
N LEU B 149 -23.68 -9.42 12.47
CA LEU B 149 -22.43 -10.07 12.15
C LEU B 149 -21.99 -9.66 10.74
N PRO B 150 -20.76 -9.09 10.64
CA PRO B 150 -20.29 -8.66 9.32
C PRO B 150 -19.60 -9.76 8.53
N GLN B 151 -19.76 -9.73 7.21
CA GLN B 151 -19.07 -10.66 6.31
C GLN B 151 -17.58 -10.26 6.33
N GLY B 152 -16.70 -11.25 6.31
CA GLY B 152 -15.25 -11.00 6.33
C GLY B 152 -14.60 -11.09 7.69
N TRP B 153 -15.40 -11.03 8.76
CA TRP B 153 -14.87 -11.14 10.11
C TRP B 153 -14.95 -12.57 10.58
N LYS B 154 -13.81 -13.14 10.99
CA LYS B 154 -13.72 -14.50 11.47
C LYS B 154 -14.57 -14.76 12.72
N GLY B 155 -15.05 -13.69 13.34
CA GLY B 155 -15.92 -13.82 14.51
C GLY B 155 -17.31 -14.27 14.13
N SER B 156 -17.77 -13.88 12.94
CA SER B 156 -19.10 -14.21 12.43
C SER B 156 -19.35 -15.75 12.34
N PRO B 157 -18.47 -16.51 11.62
CA PRO B 157 -18.66 -17.95 11.53
C PRO B 157 -18.54 -18.64 12.88
N ALA B 158 -17.65 -18.11 13.75
CA ALA B 158 -17.43 -18.65 15.08
C ALA B 158 -18.73 -18.57 15.89
N ILE B 159 -19.42 -17.43 15.76
CA ILE B 159 -20.67 -17.18 16.46
C ILE B 159 -21.83 -17.93 15.81
N PHE B 160 -21.83 -17.98 14.49
CA PHE B 160 -22.90 -18.61 13.75
C PHE B 160 -22.84 -20.13 13.73
N GLN B 161 -21.77 -20.77 14.25
CA GLN B 161 -21.62 -22.24 14.28
C GLN B 161 -22.90 -22.92 14.72
N SER B 162 -23.35 -22.57 15.95
CA SER B 162 -24.55 -23.11 16.56
C SER B 162 -25.72 -23.18 15.57
N SER B 163 -26.01 -22.08 14.88
CA SER B 163 -27.11 -22.03 13.92
C SER B 163 -26.81 -22.80 12.64
N MET B 164 -25.54 -22.84 12.24
CA MET B 164 -25.14 -23.56 11.04
C MET B 164 -25.31 -25.05 11.22
N THR B 165 -24.92 -25.58 12.38
CA THR B 165 -25.06 -27.01 12.65
C THR B 165 -26.53 -27.42 12.67
N LYS B 166 -27.41 -26.54 13.17
CA LYS B 166 -28.84 -26.82 13.18
C LYS B 166 -29.34 -26.91 11.73
N ILE B 167 -29.00 -25.91 10.93
CA ILE B 167 -29.38 -25.86 9.52
C ILE B 167 -28.95 -27.12 8.76
N LEU B 168 -27.72 -27.58 9.01
CA LEU B 168 -27.16 -28.73 8.29
C LEU B 168 -27.44 -30.10 8.88
N GLU B 169 -28.02 -30.18 10.09
CA GLU B 169 -28.29 -31.44 10.76
C GLU B 169 -29.03 -32.48 9.87
N PRO B 170 -30.20 -32.10 9.27
CA PRO B 170 -30.93 -33.06 8.44
C PRO B 170 -30.10 -33.56 7.28
N PHE B 171 -29.46 -32.65 6.56
CA PHE B 171 -28.63 -32.97 5.40
C PHE B 171 -27.46 -33.85 5.80
N ARG B 172 -26.93 -33.60 7.00
CA ARG B 172 -25.81 -34.37 7.54
C ARG B 172 -26.21 -35.81 7.79
N LYS B 173 -27.31 -36.02 8.54
CA LYS B 173 -27.80 -37.36 8.83
C LYS B 173 -28.23 -38.13 7.57
N GLN B 174 -28.67 -37.39 6.55
CA GLN B 174 -29.11 -37.98 5.30
C GLN B 174 -27.94 -38.39 4.43
N ASN B 175 -26.81 -37.67 4.56
CA ASN B 175 -25.61 -37.94 3.77
C ASN B 175 -24.40 -37.84 4.71
N PRO B 176 -24.29 -38.81 5.63
CA PRO B 176 -23.21 -38.78 6.65
C PRO B 176 -21.80 -38.93 6.09
N ASP B 177 -21.68 -39.27 4.80
CA ASP B 177 -20.40 -39.41 4.13
C ASP B 177 -19.93 -38.09 3.52
N ILE B 178 -20.82 -37.10 3.43
CA ILE B 178 -20.45 -35.81 2.87
C ILE B 178 -19.77 -34.97 3.93
N VAL B 179 -18.71 -34.28 3.54
CA VAL B 179 -17.95 -33.42 4.45
C VAL B 179 -18.36 -31.96 4.25
N ILE B 180 -18.67 -31.28 5.34
CA ILE B 180 -19.04 -29.87 5.31
C ILE B 180 -18.08 -29.09 6.18
N TYR B 181 -17.36 -28.14 5.57
CA TYR B 181 -16.43 -27.31 6.31
C TYR B 181 -16.77 -25.87 6.11
N GLN B 182 -16.87 -25.13 7.19
CA GLN B 182 -17.17 -23.71 7.11
C GLN B 182 -15.92 -22.90 7.41
N TYR B 183 -15.57 -22.00 6.50
CA TYR B 183 -14.44 -21.11 6.65
C TYR B 183 -14.90 -19.73 6.22
N MET B 184 -14.94 -18.80 7.18
CA MET B 184 -15.39 -17.43 6.93
C MET B 184 -16.78 -17.44 6.27
N ASP B 185 -16.96 -16.77 5.16
CA ASP B 185 -18.24 -16.70 4.47
C ASP B 185 -18.59 -17.89 3.60
N ASP B 186 -17.72 -18.90 3.53
CA ASP B 186 -17.97 -20.04 2.65
C ASP B 186 -18.15 -21.36 3.35
N LEU B 187 -18.79 -22.26 2.62
CA LEU B 187 -19.02 -23.65 3.01
C LEU B 187 -18.33 -24.50 1.97
N TYR B 188 -17.57 -25.48 2.43
CA TYR B 188 -16.87 -26.40 1.56
C TYR B 188 -17.59 -27.71 1.69
N VAL B 189 -18.05 -28.25 0.56
CA VAL B 189 -18.81 -29.49 0.57
C VAL B 189 -18.14 -30.51 -0.33
N GLY B 190 -17.69 -31.60 0.29
CA GLY B 190 -17.03 -32.68 -0.45
C GLY B 190 -17.70 -34.03 -0.35
N SER B 191 -17.71 -34.76 -1.47
CA SER B 191 -18.27 -36.11 -1.55
C SER B 191 -17.40 -36.90 -2.52
N ASP B 192 -17.56 -38.22 -2.52
CA ASP B 192 -16.82 -39.08 -3.43
C ASP B 192 -17.76 -39.51 -4.58
N LEU B 193 -18.98 -38.94 -4.59
CA LEU B 193 -20.04 -39.24 -5.55
C LEU B 193 -19.70 -38.90 -6.99
N GLU B 194 -20.45 -39.47 -7.93
CA GLU B 194 -20.30 -39.15 -9.34
C GLU B 194 -20.66 -37.66 -9.45
N ILE B 195 -20.01 -36.95 -10.36
CA ILE B 195 -20.25 -35.52 -10.52
C ILE B 195 -21.72 -35.13 -10.63
N GLY B 196 -22.53 -36.01 -11.20
CA GLY B 196 -23.96 -35.80 -11.35
C GLY B 196 -24.64 -35.82 -10.00
N GLN B 197 -24.40 -36.88 -9.19
CA GLN B 197 -25.00 -36.95 -7.84
C GLN B 197 -24.49 -35.82 -7.01
N HIS B 198 -23.16 -35.54 -7.14
CA HIS B 198 -22.54 -34.48 -6.37
C HIS B 198 -23.33 -33.21 -6.56
N ARG B 199 -23.42 -32.74 -7.81
CA ARG B 199 -24.15 -31.53 -8.13
C ARG B 199 -25.60 -31.57 -7.63
N THR B 200 -26.24 -32.74 -7.72
CA THR B 200 -27.60 -32.91 -7.23
C THR B 200 -27.60 -32.69 -5.72
N LYS B 201 -26.63 -33.26 -4.99
CA LYS B 201 -26.58 -33.08 -3.54
C LYS B 201 -26.36 -31.63 -3.13
N ILE B 202 -25.57 -30.90 -3.91
CA ILE B 202 -25.31 -29.48 -3.65
C ILE B 202 -26.61 -28.73 -3.81
N GLU B 203 -27.31 -28.96 -4.92
CA GLU B 203 -28.60 -28.32 -5.17
C GLU B 203 -29.53 -28.54 -3.98
N GLU B 204 -29.60 -29.77 -3.45
CA GLU B 204 -30.44 -30.09 -2.29
C GLU B 204 -29.99 -29.29 -1.09
N LEU B 205 -28.65 -29.17 -0.90
CA LEU B 205 -28.10 -28.43 0.21
C LEU B 205 -28.50 -26.96 0.13
N ARG B 206 -28.55 -26.40 -1.09
CA ARG B 206 -28.93 -25.01 -1.27
C ARG B 206 -30.39 -24.78 -0.85
N GLN B 207 -31.26 -25.78 -1.08
CA GLN B 207 -32.65 -25.71 -0.67
C GLN B 207 -32.77 -25.62 0.84
N HIS B 208 -31.99 -26.45 1.54
CA HIS B 208 -31.98 -26.41 3.00
C HIS B 208 -31.61 -25.00 3.45
N LEU B 209 -30.50 -24.47 2.90
CA LEU B 209 -30.02 -23.12 3.21
C LEU B 209 -31.07 -22.09 2.86
N LEU B 210 -31.73 -22.29 1.71
CA LEU B 210 -32.80 -21.43 1.25
C LEU B 210 -33.90 -21.30 2.31
N ARG B 211 -34.29 -22.43 2.94
CA ARG B 211 -35.34 -22.38 3.95
C ARG B 211 -34.96 -21.49 5.12
N TRP B 212 -33.68 -21.18 5.24
CA TRP B 212 -33.20 -20.32 6.33
C TRP B 212 -32.87 -18.90 5.90
N GLY B 213 -33.51 -18.47 4.81
CA GLY B 213 -33.36 -17.12 4.28
C GLY B 213 -32.11 -16.84 3.49
N LEU B 214 -31.10 -17.72 3.52
CA LEU B 214 -29.88 -17.48 2.79
C LEU B 214 -29.82 -18.14 1.41
N THR B 215 -30.02 -17.32 0.36
CA THR B 215 -29.92 -17.78 -1.03
C THR B 215 -28.45 -18.02 -1.28
N THR B 216 -28.05 -19.29 -1.33
CA THR B 216 -26.66 -19.67 -1.53
C THR B 216 -26.38 -20.15 -2.95
N PRO B 217 -26.15 -19.24 -3.91
CA PRO B 217 -25.83 -19.66 -5.27
C PRO B 217 -24.44 -20.33 -5.41
N MET B 230 -24.22 -23.75 -8.58
CA MET B 230 -23.22 -24.36 -9.45
C MET B 230 -21.85 -23.69 -9.27
N GLY B 231 -21.55 -23.33 -8.02
CA GLY B 231 -20.30 -22.67 -7.63
C GLY B 231 -19.05 -23.39 -8.10
N TYR B 232 -17.88 -22.74 -7.90
CA TYR B 232 -16.56 -23.28 -8.28
C TYR B 232 -16.38 -24.72 -7.77
N GLU B 233 -15.99 -25.64 -8.67
CA GLU B 233 -15.79 -27.06 -8.35
C GLU B 233 -14.33 -27.47 -8.31
N LEU B 234 -13.90 -27.93 -7.12
CA LEU B 234 -12.52 -28.34 -6.85
C LEU B 234 -12.42 -29.85 -6.84
N HIS B 235 -11.26 -30.37 -7.22
CA HIS B 235 -11.02 -31.81 -7.23
C HIS B 235 -9.69 -32.08 -6.53
N PRO B 236 -9.70 -32.02 -5.17
CA PRO B 236 -8.47 -32.22 -4.38
C PRO B 236 -7.76 -33.55 -4.58
N ASP B 237 -8.47 -34.52 -5.18
CA ASP B 237 -7.89 -35.82 -5.48
C ASP B 237 -6.85 -35.66 -6.58
N LYS B 238 -7.23 -34.93 -7.65
CA LYS B 238 -6.35 -34.69 -8.79
C LYS B 238 -5.27 -33.66 -8.50
N TRP B 239 -5.07 -33.33 -7.22
CA TRP B 239 -4.03 -32.40 -6.81
C TRP B 239 -2.82 -33.25 -6.47
N THR B 240 -1.74 -33.07 -7.23
CA THR B 240 -0.51 -33.81 -7.01
C THR B 240 0.65 -32.84 -7.01
N VAL B 241 1.44 -32.86 -5.93
CA VAL B 241 2.61 -32.01 -5.78
C VAL B 241 3.52 -32.24 -6.96
N GLN B 242 3.80 -31.16 -7.72
CA GLN B 242 4.67 -31.24 -8.87
C GLN B 242 6.14 -31.29 -8.43
N PRO B 243 6.89 -32.27 -8.96
CA PRO B 243 8.31 -32.39 -8.58
C PRO B 243 9.14 -31.17 -8.94
N ILE B 244 10.42 -31.23 -8.60
CA ILE B 244 11.35 -30.15 -8.88
C ILE B 244 11.79 -30.22 -10.34
N VAL B 245 11.73 -31.42 -10.92
CA VAL B 245 12.02 -31.66 -12.33
C VAL B 245 13.49 -31.66 -12.67
N LEU B 246 14.00 -32.82 -13.09
CA LEU B 246 15.37 -32.96 -13.53
C LEU B 246 15.34 -33.25 -15.02
N PRO B 247 16.16 -32.51 -15.81
CA PRO B 247 16.19 -32.71 -17.27
C PRO B 247 16.41 -34.14 -17.74
N GLU B 248 16.28 -34.35 -19.05
CA GLU B 248 16.47 -35.65 -19.67
C GLU B 248 17.05 -35.45 -21.05
N LYS B 249 18.38 -35.42 -21.14
CA LYS B 249 19.08 -35.19 -22.40
C LYS B 249 20.01 -36.34 -22.74
N ASP B 250 20.38 -36.44 -24.03
CA ASP B 250 21.28 -37.48 -24.51
C ASP B 250 22.70 -37.08 -24.12
N SER B 251 23.16 -35.94 -24.65
CA SER B 251 24.48 -35.38 -24.35
C SER B 251 24.30 -34.16 -23.43
N TRP B 252 25.28 -33.95 -22.55
CA TRP B 252 25.26 -32.84 -21.59
C TRP B 252 26.48 -31.96 -21.74
N THR B 253 26.31 -30.66 -21.47
CA THR B 253 27.41 -29.71 -21.50
C THR B 253 27.83 -29.42 -20.09
N VAL B 254 28.91 -28.65 -19.93
CA VAL B 254 29.36 -28.24 -18.61
C VAL B 254 28.23 -27.43 -17.99
N ASN B 255 27.74 -26.45 -18.77
CA ASN B 255 26.65 -25.57 -18.40
C ASN B 255 25.46 -26.36 -17.84
N ASP B 256 25.03 -27.42 -18.54
CA ASP B 256 23.90 -28.26 -18.12
C ASP B 256 24.16 -28.98 -16.82
N ILE B 257 25.37 -29.51 -16.65
CA ILE B 257 25.73 -30.22 -15.43
C ILE B 257 25.81 -29.22 -14.29
N GLN B 258 26.43 -28.07 -14.58
CA GLN B 258 26.55 -27.00 -13.60
C GLN B 258 25.14 -26.58 -13.18
N LYS B 259 24.24 -26.39 -14.16
CA LYS B 259 22.85 -26.04 -13.88
C LYS B 259 22.19 -27.14 -13.07
N LEU B 260 22.57 -28.40 -13.33
CA LEU B 260 22.02 -29.53 -12.60
C LEU B 260 22.56 -29.63 -11.20
N VAL B 261 23.88 -29.44 -11.03
CA VAL B 261 24.53 -29.50 -9.71
C VAL B 261 23.90 -28.46 -8.78
N GLY B 262 23.76 -27.24 -9.27
CA GLY B 262 23.16 -26.16 -8.50
C GLY B 262 21.79 -26.54 -7.99
N LYS B 263 20.93 -26.98 -8.91
CA LYS B 263 19.55 -27.38 -8.66
C LYS B 263 19.44 -28.45 -7.60
N LEU B 264 20.27 -29.49 -7.71
CA LEU B 264 20.28 -30.60 -6.76
C LEU B 264 20.87 -30.14 -5.45
N ASN B 265 21.96 -29.35 -5.51
CA ASN B 265 22.63 -28.81 -4.32
C ASN B 265 21.59 -28.16 -3.45
N TRP B 266 20.70 -27.43 -4.11
CA TRP B 266 19.63 -26.73 -3.45
C TRP B 266 18.62 -27.73 -2.88
N ALA B 267 18.03 -28.57 -3.74
CA ALA B 267 17.05 -29.57 -3.33
C ALA B 267 17.52 -30.43 -2.16
N SER B 268 18.85 -30.62 -2.04
CA SER B 268 19.45 -31.42 -0.96
C SER B 268 19.15 -30.79 0.40
N GLN B 269 18.79 -29.50 0.39
CA GLN B 269 18.45 -28.78 1.62
C GLN B 269 17.05 -29.18 2.06
N ILE B 270 16.24 -29.75 1.14
CA ILE B 270 14.87 -30.17 1.39
C ILE B 270 14.79 -31.69 1.64
N TYR B 271 15.20 -32.48 0.64
CA TYR B 271 15.17 -33.93 0.69
C TYR B 271 16.56 -34.43 1.06
N PRO B 272 16.72 -35.00 2.27
CA PRO B 272 18.05 -35.46 2.72
C PRO B 272 18.73 -36.52 1.86
N GLY B 273 17.94 -37.47 1.36
CA GLY B 273 18.44 -38.57 0.54
C GLY B 273 19.24 -38.22 -0.70
N ILE B 274 19.26 -36.93 -1.07
CA ILE B 274 19.94 -36.45 -2.28
C ILE B 274 21.45 -36.56 -2.23
N LYS B 275 22.03 -36.96 -3.36
CA LYS B 275 23.48 -37.11 -3.55
C LYS B 275 23.90 -36.30 -4.77
N VAL B 276 25.16 -35.81 -4.78
CA VAL B 276 25.68 -35.01 -5.89
C VAL B 276 27.16 -35.23 -6.15
N ARG B 277 27.81 -36.05 -5.34
CA ARG B 277 29.26 -36.30 -5.46
C ARG B 277 29.67 -36.90 -6.79
N GLN B 278 28.88 -37.84 -7.31
CA GLN B 278 29.16 -38.48 -8.59
C GLN B 278 29.06 -37.50 -9.75
N LEU B 279 28.03 -36.66 -9.73
CA LEU B 279 27.82 -35.66 -10.76
C LEU B 279 28.92 -34.62 -10.72
N CYS B 280 29.20 -34.09 -9.52
CA CYS B 280 30.25 -33.09 -9.32
C CYS B 280 31.60 -33.55 -9.83
N LYS B 281 31.88 -34.86 -9.71
CA LYS B 281 33.12 -35.45 -10.20
C LYS B 281 33.33 -35.14 -11.69
N LEU B 282 32.22 -34.99 -12.43
CA LEU B 282 32.26 -34.68 -13.86
C LEU B 282 32.76 -33.25 -14.10
N LEU B 283 32.44 -32.35 -13.17
CA LEU B 283 32.80 -30.95 -13.26
C LEU B 283 34.15 -30.67 -12.62
N ARG B 284 35.23 -31.04 -13.29
CA ARG B 284 36.59 -30.81 -12.79
C ARG B 284 37.53 -30.35 -13.88
N GLY B 285 38.13 -29.20 -13.65
CA GLY B 285 39.01 -28.54 -14.60
C GLY B 285 38.29 -27.30 -15.09
N THR B 286 39.01 -26.41 -15.75
CA THR B 286 38.42 -25.17 -16.25
C THR B 286 37.97 -25.33 -17.70
N LYS B 287 36.88 -26.06 -17.92
CA LYS B 287 36.38 -26.32 -19.26
C LYS B 287 35.42 -25.26 -19.78
N ALA B 288 35.28 -25.16 -21.10
CA ALA B 288 34.35 -24.24 -21.73
C ALA B 288 32.94 -24.72 -21.43
N LEU B 289 32.01 -23.80 -21.19
CA LEU B 289 30.63 -24.11 -20.85
C LEU B 289 29.90 -24.99 -21.86
N THR B 290 30.23 -24.85 -23.15
CA THR B 290 29.56 -25.60 -24.21
C THR B 290 30.12 -27.02 -24.48
N GLU B 291 31.26 -27.37 -23.85
CA GLU B 291 31.86 -28.67 -24.05
C GLU B 291 30.96 -29.79 -23.61
N VAL B 292 30.78 -30.77 -24.49
CA VAL B 292 29.96 -31.93 -24.18
C VAL B 292 30.74 -32.83 -23.25
N ILE B 293 30.05 -33.46 -22.30
CA ILE B 293 30.65 -34.37 -21.33
C ILE B 293 29.80 -35.62 -21.14
N PRO B 294 30.38 -36.80 -21.44
CA PRO B 294 29.65 -38.07 -21.23
C PRO B 294 29.55 -38.40 -19.73
N LEU B 295 28.34 -38.72 -19.28
CA LEU B 295 28.09 -39.04 -17.88
C LEU B 295 28.49 -40.47 -17.54
N THR B 296 29.24 -40.62 -16.44
CA THR B 296 29.68 -41.92 -15.95
C THR B 296 28.45 -42.68 -15.48
N GLU B 297 28.46 -44.01 -15.66
CA GLU B 297 27.36 -44.88 -15.24
C GLU B 297 26.94 -44.62 -13.79
N GLU B 298 27.92 -44.23 -12.98
CA GLU B 298 27.75 -43.93 -11.56
C GLU B 298 26.85 -42.71 -11.36
N ALA B 299 27.14 -41.62 -12.10
CA ALA B 299 26.37 -40.38 -12.04
C ALA B 299 24.95 -40.67 -12.47
N GLU B 300 24.80 -41.53 -13.48
CA GLU B 300 23.52 -41.96 -14.03
C GLU B 300 22.59 -42.48 -12.94
N LEU B 301 23.14 -43.33 -12.05
CA LEU B 301 22.36 -43.89 -10.94
C LEU B 301 21.93 -42.79 -10.00
N GLU B 302 22.92 -42.06 -9.44
CA GLU B 302 22.69 -40.96 -8.52
C GLU B 302 21.55 -40.09 -9.07
N LEU B 303 21.68 -39.68 -10.33
CA LEU B 303 20.71 -38.87 -11.04
C LEU B 303 19.32 -39.51 -10.99
N ALA B 304 19.20 -40.74 -11.52
CA ALA B 304 17.94 -41.47 -11.55
C ALA B 304 17.39 -41.61 -10.14
N GLU B 305 18.26 -41.98 -9.19
CA GLU B 305 17.94 -42.16 -7.78
C GLU B 305 17.34 -40.88 -7.17
N ASN B 306 17.88 -39.72 -7.57
CA ASN B 306 17.39 -38.43 -7.08
C ASN B 306 16.04 -38.11 -7.65
N ARG B 307 15.85 -38.44 -8.94
CA ARG B 307 14.59 -38.20 -9.61
C ARG B 307 13.47 -38.94 -8.90
N GLU B 308 13.77 -40.17 -8.44
CA GLU B 308 12.82 -40.99 -7.71
C GLU B 308 12.44 -40.30 -6.41
N ILE B 309 13.45 -39.81 -5.68
CA ILE B 309 13.25 -39.12 -4.42
C ILE B 309 12.35 -37.93 -4.64
N LEU B 310 12.64 -37.15 -5.69
CA LEU B 310 11.88 -35.95 -6.02
C LEU B 310 10.42 -36.21 -6.42
N LYS B 311 10.10 -37.44 -6.85
CA LYS B 311 8.74 -37.84 -7.23
C LYS B 311 7.86 -37.83 -5.98
N GLU B 312 8.36 -38.46 -4.91
CA GLU B 312 7.68 -38.60 -3.63
C GLU B 312 7.64 -37.31 -2.82
N PRO B 313 6.72 -37.24 -1.82
CA PRO B 313 6.59 -36.01 -1.01
C PRO B 313 7.89 -35.40 -0.53
N VAL B 314 8.20 -35.55 0.76
CA VAL B 314 9.39 -35.05 1.42
C VAL B 314 9.29 -35.52 2.86
N HIS B 315 10.16 -36.44 3.21
CA HIS B 315 10.19 -37.00 4.55
C HIS B 315 10.59 -35.93 5.56
N GLY B 316 9.87 -35.87 6.67
CA GLY B 316 10.16 -34.95 7.76
C GLY B 316 9.29 -33.73 7.93
N VAL B 317 8.68 -33.21 6.85
CA VAL B 317 7.86 -32.00 6.97
C VAL B 317 6.47 -32.36 7.41
N TYR B 318 5.97 -31.66 8.43
CA TYR B 318 4.63 -31.85 8.98
C TYR B 318 4.03 -30.53 9.35
N TYR B 319 2.71 -30.42 9.08
CA TYR B 319 1.97 -29.23 9.41
C TYR B 319 1.94 -29.00 10.91
N ASP B 320 2.32 -27.81 11.35
CA ASP B 320 2.28 -27.45 12.74
C ASP B 320 1.19 -26.39 12.91
N PRO B 321 0.06 -26.77 13.50
CA PRO B 321 -1.06 -25.82 13.69
C PRO B 321 -0.79 -24.58 14.53
N SER B 322 0.33 -24.54 15.27
CA SER B 322 0.67 -23.38 16.08
C SER B 322 1.42 -22.34 15.24
N LYS B 323 1.96 -22.74 14.09
CA LYS B 323 2.73 -21.84 13.23
C LYS B 323 1.98 -21.37 11.99
N ASP B 324 2.36 -20.18 11.47
CA ASP B 324 1.76 -19.61 10.28
C ASP B 324 2.20 -20.36 9.02
N LEU B 325 1.34 -20.33 7.99
CA LEU B 325 1.61 -20.93 6.69
C LEU B 325 2.20 -19.82 5.82
N ILE B 326 3.22 -20.15 5.04
CA ILE B 326 3.83 -19.17 4.14
C ILE B 326 3.77 -19.69 2.71
N ALA B 327 3.44 -18.81 1.76
CA ALA B 327 3.42 -19.19 0.36
C ALA B 327 4.28 -18.27 -0.46
N GLU B 328 5.17 -18.85 -1.28
CA GLU B 328 6.00 -18.07 -2.18
C GLU B 328 5.56 -18.36 -3.60
N ILE B 329 5.56 -17.35 -4.48
CA ILE B 329 5.15 -17.51 -5.87
C ILE B 329 6.25 -16.99 -6.77
N GLN B 330 6.52 -17.70 -7.86
CA GLN B 330 7.50 -17.22 -8.82
C GLN B 330 6.87 -17.07 -10.18
N LYS B 331 7.25 -16.00 -10.88
CA LYS B 331 6.77 -15.76 -12.24
C LYS B 331 7.71 -16.55 -13.16
N GLN B 332 7.17 -17.53 -13.88
CA GLN B 332 7.95 -18.36 -14.78
C GLN B 332 7.96 -17.87 -16.21
N GLY B 333 7.00 -17.02 -16.53
CA GLY B 333 6.82 -16.51 -17.88
C GLY B 333 5.84 -17.38 -18.62
N GLN B 334 5.35 -16.90 -19.78
CA GLN B 334 4.40 -17.63 -20.65
C GLN B 334 3.09 -17.95 -19.91
N GLY B 335 2.68 -17.05 -19.00
CA GLY B 335 1.49 -17.22 -18.19
C GLY B 335 1.61 -18.31 -17.15
N GLN B 336 2.85 -18.73 -16.84
CA GLN B 336 3.13 -19.79 -15.86
C GLN B 336 3.62 -19.23 -14.53
N TRP B 337 3.20 -19.86 -13.43
CA TRP B 337 3.58 -19.45 -12.07
C TRP B 337 3.75 -20.67 -11.19
N THR B 338 4.84 -20.72 -10.44
CA THR B 338 5.10 -21.84 -9.52
C THR B 338 4.93 -21.29 -8.12
N TYR B 339 4.64 -22.15 -7.17
CA TYR B 339 4.49 -21.70 -5.79
C TYR B 339 4.84 -22.79 -4.81
N GLN B 340 5.14 -22.38 -3.58
CA GLN B 340 5.51 -23.32 -2.51
C GLN B 340 4.84 -22.87 -1.23
N ILE B 341 4.40 -23.83 -0.42
CA ILE B 341 3.75 -23.55 0.86
C ILE B 341 4.57 -24.25 1.93
N TYR B 342 5.00 -23.52 2.95
CA TYR B 342 5.77 -24.10 4.04
C TYR B 342 5.57 -23.28 5.29
N GLN B 343 6.09 -23.77 6.41
CA GLN B 343 6.04 -23.02 7.66
C GLN B 343 7.47 -22.64 8.01
N GLU B 344 8.42 -23.43 7.53
CA GLU B 344 9.85 -23.21 7.70
C GLU B 344 10.51 -23.42 6.34
N PRO B 345 11.23 -22.38 5.86
CA PRO B 345 11.87 -22.43 4.51
C PRO B 345 12.47 -23.75 4.11
N PHE B 346 12.18 -24.17 2.86
CA PHE B 346 12.61 -25.44 2.26
C PHE B 346 11.77 -26.59 2.70
N LYS B 347 11.21 -26.52 3.91
CA LYS B 347 10.37 -27.59 4.42
C LYS B 347 8.97 -27.47 3.80
N ASN B 348 8.89 -27.68 2.48
CA ASN B 348 7.68 -27.57 1.68
C ASN B 348 6.60 -28.55 2.08
N LEU B 349 5.48 -28.03 2.55
CA LEU B 349 4.34 -28.86 2.87
C LEU B 349 3.61 -29.14 1.55
N LYS B 350 3.74 -28.21 0.59
CA LYS B 350 3.10 -28.33 -0.73
C LYS B 350 3.67 -27.39 -1.76
N THR B 351 3.83 -27.90 -2.98
CA THR B 351 4.32 -27.12 -4.13
C THR B 351 3.34 -27.30 -5.27
N GLY B 352 3.24 -26.30 -6.14
CA GLY B 352 2.32 -26.37 -7.26
C GLY B 352 2.66 -25.46 -8.43
N LYS B 353 1.71 -25.37 -9.37
CA LYS B 353 1.86 -24.58 -10.58
C LYS B 353 0.54 -23.89 -10.88
N TYR B 354 0.59 -22.84 -11.69
CA TYR B 354 -0.58 -22.11 -12.12
C TYR B 354 -0.34 -21.54 -13.51
N ALA B 355 -1.16 -21.96 -14.49
CA ALA B 355 -1.06 -21.50 -15.86
C ALA B 355 -2.25 -20.63 -16.25
N ARG B 356 -1.96 -19.40 -16.75
CA ARG B 356 -2.96 -18.43 -17.15
C ARG B 356 -4.09 -19.06 -17.97
N MET B 357 -5.32 -18.85 -17.49
CA MET B 357 -6.51 -19.36 -18.15
C MET B 357 -6.84 -18.38 -19.28
N ARG B 358 -7.24 -18.91 -20.45
CA ARG B 358 -7.61 -18.16 -21.65
C ARG B 358 -8.31 -16.81 -21.36
N GLY B 359 -7.58 -15.71 -21.55
CA GLY B 359 -8.12 -14.37 -21.29
C GLY B 359 -7.11 -13.38 -20.73
N ALA B 360 -6.41 -13.77 -19.66
CA ALA B 360 -5.39 -12.93 -19.01
C ALA B 360 -4.11 -12.91 -19.84
N HIS B 361 -4.23 -13.26 -21.14
CA HIS B 361 -3.13 -13.32 -22.11
C HIS B 361 -2.22 -12.07 -22.19
N THR B 362 -2.46 -11.06 -21.34
CA THR B 362 -1.68 -9.82 -21.34
C THR B 362 -1.55 -9.16 -19.95
N ASN B 363 -1.96 -9.86 -18.86
CA ASN B 363 -1.90 -9.25 -17.54
C ASN B 363 -1.28 -10.06 -16.40
N ASP B 364 -0.13 -9.58 -15.90
CA ASP B 364 0.60 -10.19 -14.80
C ASP B 364 -0.13 -10.09 -13.47
N VAL B 365 -0.67 -8.90 -13.18
CA VAL B 365 -1.39 -8.67 -11.93
C VAL B 365 -2.63 -9.54 -11.92
N LYS B 366 -3.34 -9.60 -13.05
CA LYS B 366 -4.55 -10.40 -13.19
C LYS B 366 -4.23 -11.86 -12.85
N GLN B 367 -3.15 -12.40 -13.44
CA GLN B 367 -2.73 -13.79 -13.23
C GLN B 367 -2.28 -14.06 -11.81
N LEU B 368 -1.53 -13.11 -11.22
CA LEU B 368 -1.07 -13.27 -9.85
C LEU B 368 -2.22 -13.33 -8.87
N THR B 369 -3.24 -12.48 -9.07
CA THR B 369 -4.40 -12.48 -8.17
C THR B 369 -5.14 -13.78 -8.31
N GLU B 370 -5.21 -14.33 -9.53
CA GLU B 370 -5.86 -15.61 -9.76
C GLU B 370 -5.09 -16.70 -9.01
N ALA B 371 -3.75 -16.70 -9.18
CA ALA B 371 -2.87 -17.67 -8.55
C ALA B 371 -2.98 -17.61 -7.02
N VAL B 372 -3.02 -16.40 -6.46
CA VAL B 372 -3.16 -16.21 -5.02
C VAL B 372 -4.47 -16.81 -4.53
N GLN B 373 -5.56 -16.54 -5.23
CA GLN B 373 -6.87 -17.06 -4.80
C GLN B 373 -6.91 -18.57 -4.83
N LYS B 374 -6.35 -19.17 -5.89
CA LYS B 374 -6.30 -20.62 -6.04
C LYS B 374 -5.49 -21.25 -4.92
N ILE B 375 -4.28 -20.71 -4.66
CA ILE B 375 -3.41 -21.23 -3.60
C ILE B 375 -4.12 -21.10 -2.26
N THR B 376 -4.73 -19.92 -2.00
CA THR B 376 -5.46 -19.70 -0.76
C THR B 376 -6.58 -20.72 -0.60
N THR B 377 -7.34 -20.98 -1.68
CA THR B 377 -8.43 -21.94 -1.65
C THR B 377 -7.91 -23.33 -1.26
N GLU B 378 -6.78 -23.76 -1.87
CA GLU B 378 -6.19 -25.06 -1.56
C GLU B 378 -5.79 -25.13 -0.10
N SER B 379 -5.19 -24.05 0.42
CA SER B 379 -4.77 -24.01 1.82
C SER B 379 -5.94 -24.24 2.73
N ILE B 380 -7.06 -23.52 2.48
CA ILE B 380 -8.27 -23.66 3.27
C ILE B 380 -8.71 -25.13 3.26
N VAL B 381 -8.71 -25.76 2.10
CA VAL B 381 -9.11 -27.15 2.00
C VAL B 381 -8.17 -28.09 2.77
N ILE B 382 -6.87 -27.95 2.58
CA ILE B 382 -5.89 -28.83 3.23
C ILE B 382 -5.72 -28.60 4.72
N TRP B 383 -5.54 -27.33 5.13
CA TRP B 383 -5.27 -27.02 6.53
C TRP B 383 -6.36 -26.21 7.23
N GLY B 384 -7.27 -25.63 6.47
CA GLY B 384 -8.32 -24.80 7.07
C GLY B 384 -7.74 -23.48 7.53
N LYS B 385 -6.74 -22.98 6.78
CA LYS B 385 -6.04 -21.75 7.11
C LYS B 385 -5.47 -21.11 5.84
N THR B 386 -5.39 -19.78 5.80
CA THR B 386 -4.84 -19.11 4.63
C THR B 386 -3.36 -18.83 4.88
N PRO B 387 -2.54 -18.94 3.83
CA PRO B 387 -1.10 -18.64 3.98
C PRO B 387 -0.78 -17.15 3.91
N LYS B 388 0.41 -16.80 4.37
CA LYS B 388 0.94 -15.45 4.32
C LYS B 388 1.73 -15.41 3.00
N PHE B 389 1.33 -14.56 2.06
CA PHE B 389 2.00 -14.51 0.76
C PHE B 389 3.22 -13.62 0.62
N LYS B 390 4.18 -14.10 -0.17
CA LYS B 390 5.39 -13.36 -0.52
C LYS B 390 5.26 -13.09 -2.02
N LEU B 391 4.73 -11.88 -2.34
CA LEU B 391 4.41 -11.48 -3.70
C LEU B 391 5.50 -10.82 -4.52
N PRO B 392 5.87 -11.46 -5.67
CA PRO B 392 6.91 -10.89 -6.55
C PRO B 392 6.35 -9.69 -7.35
N ILE B 393 6.06 -8.59 -6.64
CA ILE B 393 5.49 -7.39 -7.26
C ILE B 393 5.75 -6.16 -6.38
N GLN B 394 5.62 -4.97 -6.96
CA GLN B 394 5.75 -3.71 -6.26
C GLN B 394 4.45 -3.45 -5.46
N LYS B 395 4.59 -3.18 -4.17
CA LYS B 395 3.44 -2.94 -3.28
C LYS B 395 2.38 -2.08 -3.91
N GLU B 396 2.73 -0.83 -4.22
CA GLU B 396 1.84 0.16 -4.79
C GLU B 396 1.09 -0.38 -6.00
N THR B 397 1.78 -1.15 -6.85
CA THR B 397 1.14 -1.74 -8.03
C THR B 397 0.06 -2.71 -7.60
N TRP B 398 0.43 -3.64 -6.70
CA TRP B 398 -0.52 -4.62 -6.18
C TRP B 398 -1.66 -3.88 -5.52
N GLU B 399 -1.31 -2.92 -4.62
CA GLU B 399 -2.27 -2.10 -3.90
C GLU B 399 -3.26 -1.46 -4.87
N THR B 400 -2.74 -0.89 -5.96
CA THR B 400 -3.56 -0.25 -6.98
C THR B 400 -4.51 -1.17 -7.74
N TRP B 401 -4.06 -2.39 -8.09
CA TRP B 401 -4.85 -3.27 -8.94
C TRP B 401 -5.50 -4.56 -8.44
N TRP B 402 -5.05 -5.12 -7.30
CA TRP B 402 -5.60 -6.40 -6.84
C TRP B 402 -7.12 -6.53 -6.84
N THR B 403 -7.82 -5.46 -6.44
CA THR B 403 -9.29 -5.46 -6.38
C THR B 403 -9.93 -5.51 -7.76
N GLU B 404 -9.18 -5.19 -8.80
CA GLU B 404 -9.72 -5.20 -10.15
C GLU B 404 -10.08 -6.60 -10.63
N TYR B 405 -9.43 -7.64 -10.10
CA TYR B 405 -9.67 -9.03 -10.51
C TYR B 405 -9.96 -9.94 -9.34
N TRP B 406 -9.97 -9.38 -8.11
CA TRP B 406 -10.25 -10.16 -6.92
C TRP B 406 -11.72 -10.55 -6.84
N GLN B 407 -12.00 -11.81 -6.51
CA GLN B 407 -13.36 -12.32 -6.43
C GLN B 407 -13.64 -13.11 -5.18
N ALA B 408 -12.63 -13.33 -4.33
CA ALA B 408 -12.87 -14.09 -3.10
C ALA B 408 -13.49 -13.18 -2.05
N THR B 409 -14.18 -13.79 -1.08
CA THR B 409 -14.84 -13.06 0.01
C THR B 409 -13.83 -12.79 1.12
N TRP B 410 -12.71 -13.52 1.10
CA TRP B 410 -11.64 -13.38 2.08
C TRP B 410 -10.42 -12.69 1.46
N ILE B 411 -9.46 -12.31 2.33
CA ILE B 411 -8.20 -11.66 1.92
C ILE B 411 -7.07 -12.20 2.78
N PRO B 412 -6.07 -12.85 2.17
CA PRO B 412 -4.94 -13.34 2.96
C PRO B 412 -3.94 -12.25 3.27
N GLU B 413 -2.99 -12.55 4.16
CA GLU B 413 -1.93 -11.62 4.49
C GLU B 413 -0.88 -11.70 3.40
N TRP B 414 -0.25 -10.57 3.08
CA TRP B 414 0.79 -10.57 2.05
C TRP B 414 1.90 -9.55 2.32
N GLU B 415 3.05 -9.80 1.72
CA GLU B 415 4.21 -8.94 1.77
C GLU B 415 4.85 -9.00 0.40
N PHE B 416 5.71 -8.02 0.11
CA PHE B 416 6.34 -7.91 -1.21
C PHE B 416 7.80 -8.22 -1.16
N VAL B 417 8.26 -9.04 -2.10
CA VAL B 417 9.65 -9.51 -2.11
C VAL B 417 10.27 -9.46 -3.50
N ASN B 418 11.61 -9.60 -3.55
CA ASN B 418 12.39 -9.66 -4.79
C ASN B 418 12.84 -11.09 -5.00
N THR B 419 12.13 -11.82 -5.87
CA THR B 419 12.43 -13.20 -6.16
C THR B 419 13.93 -13.43 -6.42
N PRO B 420 14.57 -14.36 -5.67
CA PRO B 420 15.97 -14.70 -5.94
C PRO B 420 15.99 -15.47 -7.26
N PRO B 421 16.75 -14.93 -8.25
CA PRO B 421 16.83 -15.56 -9.59
C PRO B 421 16.97 -17.07 -9.66
N LEU B 422 17.75 -17.65 -8.73
CA LEU B 422 17.97 -19.10 -8.70
C LEU B 422 16.69 -19.86 -8.37
N VAL B 423 15.99 -19.43 -7.30
CA VAL B 423 14.74 -20.04 -6.86
C VAL B 423 13.82 -20.27 -8.06
N LYS B 424 13.76 -19.30 -8.98
CA LYS B 424 12.93 -19.44 -10.18
C LYS B 424 13.32 -20.71 -10.95
N LEU B 425 14.64 -20.93 -11.15
CA LEU B 425 15.18 -22.08 -11.86
C LEU B 425 14.89 -23.39 -11.16
N TRP B 426 15.20 -23.45 -9.87
CA TRP B 426 14.99 -24.62 -9.03
C TRP B 426 13.58 -25.17 -9.23
N TYR B 427 12.59 -24.27 -9.21
CA TYR B 427 11.20 -24.66 -9.40
C TYR B 427 10.70 -24.53 -10.84
N GLN B 428 11.55 -24.00 -11.76
CA GLN B 428 11.18 -23.87 -13.17
C GLN B 428 10.86 -25.25 -13.73
N LEU B 429 9.90 -25.30 -14.64
CA LEU B 429 9.47 -26.58 -15.22
C LEU B 429 9.82 -26.77 -16.70
N GLU B 430 9.74 -27.92 -17.20
C1 ZZE C . -13.80 26.56 -6.48
C2 ZZE C . -13.25 26.77 -7.77
C3 ZZE C . -14.74 25.48 -6.47
O4 ZZE C . -13.43 27.40 -5.38
N5 ZZE C . -13.86 25.81 -8.49
C6 ZZE C . -12.21 27.82 -8.20
N7 ZZE C . -14.73 25.06 -7.73
C8 ZZE C . -15.60 24.93 -5.35
C9 ZZE C . -12.66 27.20 -4.28
C10 ZZE C . -13.68 25.58 -9.87
C11 ZZE C . -12.52 29.13 -7.75
C12 ZZE C . -16.79 24.11 -5.92
C13 ZZE C . -12.28 28.38 -3.43
C14 ZZE C . -12.28 25.89 -4.00
C15 ZZE C . -14.37 26.79 -10.62
C16 ZZE C . -11.47 28.10 -2.27
C17 ZZE C . -11.46 25.68 -2.87
O18 ZZE C . -14.66 26.52 -12.02
C19 ZZE C . -11.01 26.76 -1.97
C20 ZZE C . -11.06 29.15 -1.45
C21 ZZE C . -11.23 24.29 -2.85
N22 ZZE C . -10.70 30.04 -0.74
N23 ZZE C . -11.04 23.11 -2.83
#